data_8H3T
#
_entry.id   8H3T
#
_cell.length_a   68.209
_cell.length_b   94.812
_cell.length_c   110.108
_cell.angle_alpha   90.000
_cell.angle_beta   90.000
_cell.angle_gamma   90.000
#
_symmetry.space_group_name_H-M   'P 21 21 21'
#
loop_
_entity.id
_entity.type
_entity.pdbx_description
1 polymer AlpH
2 non-polymer GLYCEROL
3 water water
#
_entity_poly.entity_id   1
_entity_poly.type   'polypeptide(L)'
_entity_poly.pdbx_seq_one_letter_code
;MPELPPPHVVREAEKARADLQRQSRELAPPPFALLELIMGVMVTRAVHVAAELKVAEALAEGPLSADELAGRVGADADAL
GRVLRLLASNGVFATRPDGAFELTPMADALRADHPMSMRGIALLMGHPIHWEDWSGFPETVVTGEPALPKLRGMHAFEFL
TKNAEYGQVFFQGMGSMSASETEPILAAYDFSQFGTVVDFCGGQGALLAGILGAAPGCEGVLFDPRVEENGAAEFLAAQG
VADRTKRVAGDLFDVPPGGADAYVLKHIVHDWPEEQALRILRNVRAAIKPGGKLLIAEMVIPEQGDQPHSGKLVDLWLML
LVGGRERTPGQYADLLARAGFRLERVVETAAAISLVEAVPV
;
_entity_poly.pdbx_strand_id   A,B
#
# COMPACT_ATOMS: atom_id res chain seq x y z
N GLU A 3 -28.62 9.49 -11.18
CA GLU A 3 -27.91 10.01 -12.33
C GLU A 3 -26.40 10.08 -12.08
N LEU A 4 -25.66 10.41 -13.13
CA LEU A 4 -24.23 10.67 -13.10
C LEU A 4 -24.00 12.07 -13.67
N PRO A 5 -23.03 12.82 -13.16
CA PRO A 5 -22.76 14.15 -13.73
C PRO A 5 -22.19 14.01 -15.12
N PRO A 6 -22.31 15.04 -15.97
CA PRO A 6 -21.46 15.11 -17.15
C PRO A 6 -19.99 15.14 -16.73
N PRO A 7 -19.11 14.60 -17.56
CA PRO A 7 -17.76 14.24 -17.07
C PRO A 7 -16.89 15.43 -16.65
N HIS A 8 -17.21 16.67 -17.01
CA HIS A 8 -16.28 17.75 -16.67
C HIS A 8 -16.25 17.99 -15.16
N VAL A 9 -17.36 17.76 -14.46
CA VAL A 9 -17.35 17.82 -13.01
C VAL A 9 -16.39 16.78 -12.44
N VAL A 10 -16.33 15.62 -13.09
CA VAL A 10 -15.44 14.55 -12.65
C VAL A 10 -13.99 14.90 -12.96
N ARG A 11 -13.72 15.41 -14.17
CA ARG A 11 -12.36 15.83 -14.50
C ARG A 11 -11.89 16.93 -13.56
N GLU A 12 -12.77 17.84 -13.16
CA GLU A 12 -12.35 18.89 -12.26
C GLU A 12 -12.05 18.35 -10.86
N ALA A 13 -12.85 17.39 -10.40
CA ALA A 13 -12.58 16.77 -9.10
C ALA A 13 -11.28 15.99 -9.12
N GLU A 14 -10.98 15.33 -10.24
CA GLU A 14 -9.72 14.62 -10.37
C GLU A 14 -8.54 15.57 -10.27
N LYS A 15 -8.65 16.72 -10.93
CA LYS A 15 -7.55 17.68 -10.90
C LYS A 15 -7.42 18.30 -9.51
N ALA A 16 -8.54 18.56 -8.85
CA ALA A 16 -8.50 19.10 -7.49
C ALA A 16 -7.86 18.10 -6.55
N ARG A 17 -8.24 16.83 -6.64
CA ARG A 17 -7.62 15.79 -5.81
C ARG A 17 -6.12 15.71 -6.06
N ALA A 18 -5.70 15.77 -7.32
CA ALA A 18 -4.27 15.73 -7.62
C ALA A 18 -3.55 16.94 -7.02
N ASP A 19 -4.16 18.11 -7.10
CA ASP A 19 -3.52 19.30 -6.54
C ASP A 19 -3.44 19.20 -5.02
N LEU A 20 -4.50 18.69 -4.37
CA LEU A 20 -4.48 18.53 -2.92
C LEU A 20 -3.41 17.53 -2.46
N GLN A 21 -3.24 16.44 -3.21
CA GLN A 21 -2.23 15.45 -2.86
C GLN A 21 -0.83 16.04 -3.02
N ARG A 22 -0.63 16.85 -4.06
CA ARG A 22 0.68 17.49 -4.26
C ARG A 22 0.98 18.47 -3.13
N GLN A 23 0.00 19.30 -2.75
CA GLN A 23 0.19 20.17 -1.59
C GLN A 23 0.51 19.37 -0.33
N SER A 24 -0.15 18.23 -0.14
CA SER A 24 0.12 17.42 1.04
C SER A 24 1.54 16.87 1.02
N ARG A 25 1.99 16.39 -0.14
CA ARG A 25 3.38 15.96 -0.28
C ARG A 25 4.34 17.10 0.03
N GLU A 26 4.00 18.32 -0.41
CA GLU A 26 4.91 19.44 -0.20
C GLU A 26 5.01 19.84 1.28
N LEU A 27 4.02 19.47 2.10
CA LEU A 27 4.08 19.79 3.52
C LEU A 27 4.90 18.80 4.34
N ALA A 28 5.30 17.70 3.74
CA ALA A 28 5.98 16.64 4.47
C ALA A 28 7.46 16.61 4.13
N PRO A 29 8.32 16.14 5.04
CA PRO A 29 9.69 15.81 4.65
C PRO A 29 9.64 14.74 3.57
N PRO A 30 10.34 14.94 2.47
CA PRO A 30 10.26 13.99 1.33
C PRO A 30 10.49 12.54 1.76
N PRO A 31 11.47 12.25 2.64
CA PRO A 31 11.62 10.84 3.06
C PRO A 31 10.38 10.27 3.71
N PHE A 32 9.61 11.08 4.44
CA PHE A 32 8.43 10.59 5.14
CA PHE A 32 8.45 10.54 5.13
C PHE A 32 7.25 10.41 4.19
N ALA A 33 7.09 11.33 3.24
CA ALA A 33 6.06 11.13 2.22
C ALA A 33 6.36 9.87 1.42
N LEU A 34 7.64 9.63 1.12
CA LEU A 34 8.02 8.39 0.44
C LEU A 34 7.70 7.19 1.30
N LEU A 35 8.01 7.27 2.60
CA LEU A 35 7.75 6.16 3.50
C LEU A 35 6.27 5.82 3.54
N GLU A 36 5.39 6.82 3.45
CA GLU A 36 3.96 6.51 3.44
C GLU A 36 3.59 5.66 2.23
N LEU A 37 4.17 5.94 1.06
CA LEU A 37 3.91 5.10 -0.11
C LEU A 37 4.48 3.70 0.07
N ILE A 38 5.68 3.62 0.66
CA ILE A 38 6.32 2.31 0.84
C ILE A 38 5.44 1.41 1.70
N MET A 39 4.75 1.99 2.67
CA MET A 39 4.00 1.20 3.62
CA MET A 39 3.98 1.23 3.63
C MET A 39 2.58 0.89 3.16
N GLY A 40 2.24 1.26 1.91
CA GLY A 40 0.91 0.95 1.37
C GLY A 40 0.50 -0.51 1.51
N VAL A 41 1.47 -1.43 1.41
CA VAL A 41 1.16 -2.85 1.58
C VAL A 41 0.45 -3.10 2.91
N MET A 42 0.79 -2.34 3.95
CA MET A 42 0.20 -2.57 5.26
C MET A 42 -1.27 -2.16 5.29
N VAL A 43 -1.60 -1.05 4.63
CA VAL A 43 -3.00 -0.64 4.53
C VAL A 43 -3.80 -1.64 3.71
N THR A 44 -3.22 -2.19 2.63
CA THR A 44 -3.90 -3.25 1.88
C THR A 44 -4.26 -4.42 2.79
N ARG A 45 -3.31 -4.88 3.62
CA ARG A 45 -3.58 -6.00 4.51
C ARG A 45 -4.63 -5.66 5.55
N ALA A 46 -4.64 -4.41 6.02
CA ALA A 46 -5.64 -4.00 7.01
C ALA A 46 -7.04 -3.99 6.40
N VAL A 47 -7.18 -3.46 5.18
CA VAL A 47 -8.48 -3.51 4.52
C VAL A 47 -8.89 -4.95 4.29
N HIS A 48 -7.93 -5.78 3.86
CA HIS A 48 -8.24 -7.17 3.54
C HIS A 48 -8.81 -7.90 4.75
N VAL A 49 -8.22 -7.72 5.94
CA VAL A 49 -8.72 -8.49 7.07
C VAL A 49 -10.08 -7.95 7.51
N ALA A 50 -10.31 -6.64 7.39
CA ALA A 50 -11.63 -6.11 7.71
C ALA A 50 -12.68 -6.67 6.76
N ALA A 51 -12.35 -6.77 5.47
CA ALA A 51 -13.27 -7.37 4.51
C ALA A 51 -13.54 -8.84 4.85
N GLU A 52 -12.48 -9.60 5.10
CA GLU A 52 -12.63 -11.02 5.38
C GLU A 52 -13.50 -11.27 6.61
N LEU A 53 -13.35 -10.42 7.62
CA LEU A 53 -14.10 -10.57 8.87
C LEU A 53 -15.51 -9.98 8.81
N LYS A 54 -15.87 -9.29 7.72
CA LYS A 54 -17.20 -8.72 7.54
C LYS A 54 -17.53 -7.74 8.67
N VAL A 55 -16.55 -6.89 9.01
CA VAL A 55 -16.75 -5.88 10.04
C VAL A 55 -17.80 -4.87 9.59
N ALA A 56 -17.79 -4.51 8.30
CA ALA A 56 -18.78 -3.57 7.79
C ALA A 56 -20.21 -4.07 8.05
N GLU A 57 -20.49 -5.33 7.70
CA GLU A 57 -21.79 -5.89 8.02
C GLU A 57 -22.07 -5.86 9.51
N ALA A 58 -21.06 -6.14 10.33
CA ALA A 58 -21.25 -6.19 11.78
C ALA A 58 -21.66 -4.84 12.34
N LEU A 59 -21.24 -3.74 11.70
CA LEU A 59 -21.55 -2.41 12.19
C LEU A 59 -22.82 -1.81 11.59
N ALA A 60 -23.56 -2.58 10.78
CA ALA A 60 -24.75 -2.04 10.12
C ALA A 60 -25.79 -1.56 11.12
N GLU A 61 -26.00 -2.31 12.20
CA GLU A 61 -27.01 -1.95 13.19
C GLU A 61 -26.59 -0.81 14.11
N GLY A 62 -25.34 -0.34 14.01
CA GLY A 62 -24.88 0.75 14.84
C GLY A 62 -23.48 0.52 15.35
N PRO A 63 -22.92 1.52 16.02
CA PRO A 63 -21.52 1.45 16.44
C PRO A 63 -21.28 0.37 17.47
N LEU A 64 -20.09 -0.22 17.41
CA LEU A 64 -19.69 -1.24 18.37
C LEU A 64 -18.23 -1.04 18.76
N SER A 65 -17.91 -1.33 20.01
CA SER A 65 -16.52 -1.35 20.44
C SER A 65 -15.85 -2.58 19.85
N ALA A 66 -14.51 -2.54 19.83
CA ALA A 66 -13.75 -3.72 19.45
C ALA A 66 -14.11 -4.91 20.33
N ASP A 67 -14.33 -4.67 21.62
CA ASP A 67 -14.77 -5.74 22.51
C ASP A 67 -16.09 -6.32 22.05
N GLU A 68 -17.07 -5.47 21.70
CA GLU A 68 -18.34 -5.99 21.19
C GLU A 68 -18.17 -6.70 19.84
N LEU A 69 -17.16 -6.31 19.06
CA LEU A 69 -17.00 -6.94 17.76
C LEU A 69 -16.36 -8.31 17.84
N ALA A 70 -15.57 -8.58 18.90
CA ALA A 70 -14.74 -9.79 18.92
C ALA A 70 -15.56 -11.05 18.70
N GLY A 71 -16.62 -11.23 19.51
CA GLY A 71 -17.45 -12.41 19.38
C GLY A 71 -18.33 -12.38 18.15
N ARG A 72 -18.64 -11.18 17.66
CA ARG A 72 -19.47 -11.04 16.47
C ARG A 72 -18.77 -11.53 15.21
N VAL A 73 -17.49 -11.18 15.05
CA VAL A 73 -16.74 -11.54 13.84
C VAL A 73 -15.72 -12.65 14.07
N GLY A 74 -15.50 -13.06 15.31
CA GLY A 74 -14.54 -14.10 15.59
C GLY A 74 -13.09 -13.65 15.44
N ALA A 75 -12.72 -12.58 16.13
CA ALA A 75 -11.36 -12.09 16.10
C ALA A 75 -10.99 -11.63 17.50
N ASP A 76 -9.70 -11.40 17.71
CA ASP A 76 -9.19 -10.89 18.97
C ASP A 76 -9.58 -9.42 19.13
N ALA A 77 -10.16 -9.08 20.30
CA ALA A 77 -10.65 -7.73 20.52
C ALA A 77 -9.53 -6.71 20.36
N ASP A 78 -8.40 -6.97 21.01
CA ASP A 78 -7.31 -6.00 20.97
C ASP A 78 -6.77 -5.82 19.55
N ALA A 79 -6.50 -6.93 18.86
CA ALA A 79 -5.93 -6.84 17.52
C ALA A 79 -6.90 -6.14 16.57
N LEU A 80 -8.17 -6.52 16.60
CA LEU A 80 -9.15 -5.92 15.72
C LEU A 80 -9.25 -4.42 15.96
N GLY A 81 -9.21 -3.99 17.22
CA GLY A 81 -9.31 -2.58 17.51
C GLY A 81 -8.14 -1.80 16.94
N ARG A 82 -6.95 -2.40 16.95
CA ARG A 82 -5.77 -1.70 16.43
C ARG A 82 -5.82 -1.61 14.91
N VAL A 83 -6.34 -2.65 14.25
CA VAL A 83 -6.56 -2.59 12.81
C VAL A 83 -7.57 -1.50 12.45
N LEU A 84 -8.71 -1.47 13.15
CA LEU A 84 -9.74 -0.47 12.82
C LEU A 84 -9.28 0.95 13.08
N ARG A 85 -8.46 1.15 14.13
CA ARG A 85 -7.90 2.47 14.39
C ARG A 85 -7.07 2.95 13.21
N LEU A 86 -6.31 2.04 12.60
CA LEU A 86 -5.49 2.44 11.45
C LEU A 86 -6.36 2.75 10.24
N LEU A 87 -7.37 1.89 9.99
CA LEU A 87 -8.29 2.12 8.89
C LEU A 87 -9.04 3.44 9.08
N ALA A 88 -9.48 3.71 10.31
CA ALA A 88 -10.25 4.92 10.54
C ALA A 88 -9.42 6.17 10.26
N SER A 89 -8.10 6.11 10.49
CA SER A 89 -7.24 7.24 10.17
C SER A 89 -7.12 7.43 8.67
N ASN A 90 -7.58 6.47 7.88
CA ASN A 90 -7.59 6.53 6.42
C ASN A 90 -9.00 6.70 5.89
N GLY A 91 -9.95 7.08 6.75
CA GLY A 91 -11.33 7.30 6.34
C GLY A 91 -12.20 6.07 6.25
N VAL A 92 -11.70 4.89 6.67
CA VAL A 92 -12.43 3.62 6.58
C VAL A 92 -12.83 3.24 8.00
N PHE A 93 -14.12 3.29 8.30
CA PHE A 93 -14.64 3.31 9.67
C PHE A 93 -14.23 4.60 10.38
N ALA A 94 -14.82 4.87 11.54
CA ALA A 94 -14.47 6.04 12.32
C ALA A 94 -14.57 5.70 13.81
N THR A 95 -13.74 6.34 14.62
CA THR A 95 -13.75 6.13 16.07
C THR A 95 -14.61 7.19 16.74
N ARG A 96 -15.58 6.76 17.55
CA ARG A 96 -16.39 7.68 18.32
C ARG A 96 -15.67 8.07 19.61
N PRO A 97 -16.08 9.18 20.24
CA PRO A 97 -15.43 9.57 21.51
C PRO A 97 -15.48 8.48 22.56
N ASP A 98 -16.50 7.63 22.54
CA ASP A 98 -16.60 6.55 23.52
C ASP A 98 -15.78 5.33 23.13
N GLY A 99 -14.93 5.45 22.10
CA GLY A 99 -14.08 4.36 21.66
C GLY A 99 -14.73 3.37 20.71
N ALA A 100 -16.05 3.43 20.53
CA ALA A 100 -16.72 2.52 19.59
C ALA A 100 -16.43 2.94 18.15
N PHE A 101 -16.46 1.95 17.25
CA PHE A 101 -16.26 2.16 15.82
C PHE A 101 -17.60 2.20 15.10
N GLU A 102 -17.69 3.04 14.07
CA GLU A 102 -18.89 3.17 13.26
C GLU A 102 -18.50 3.18 11.79
N LEU A 103 -19.51 3.02 10.95
CA LEU A 103 -19.32 3.03 9.50
C LEU A 103 -19.00 4.43 8.98
N THR A 104 -18.30 4.46 7.86
CA THR A 104 -18.14 5.63 7.01
C THR A 104 -18.54 5.20 5.61
N PRO A 105 -18.74 6.16 4.69
CA PRO A 105 -19.10 5.76 3.32
C PRO A 105 -18.08 4.85 2.66
N MET A 106 -16.77 5.06 2.89
CA MET A 106 -15.79 4.14 2.33
C MET A 106 -15.93 2.74 2.95
N ALA A 107 -16.13 2.67 4.27
CA ALA A 107 -16.35 1.35 4.89
C ALA A 107 -17.66 0.71 4.39
N ASP A 108 -18.69 1.52 4.08
CA ASP A 108 -19.93 0.99 3.51
C ASP A 108 -19.65 0.11 2.30
N ALA A 109 -18.70 0.52 1.47
CA ALA A 109 -18.35 -0.18 0.24
C ALA A 109 -17.61 -1.49 0.49
N LEU A 110 -17.28 -1.82 1.74
CA LEU A 110 -16.76 -3.16 2.02
C LEU A 110 -17.86 -4.19 2.21
N ARG A 111 -19.12 -3.77 2.42
CA ARG A 111 -20.21 -4.73 2.48
C ARG A 111 -20.24 -5.57 1.21
N ALA A 112 -20.43 -6.89 1.38
CA ALA A 112 -20.54 -7.78 0.22
C ALA A 112 -21.65 -7.36 -0.73
N ASP A 113 -22.77 -6.89 -0.20
CA ASP A 113 -23.92 -6.63 -1.06
C ASP A 113 -23.99 -5.20 -1.58
N HIS A 114 -23.05 -4.34 -1.21
CA HIS A 114 -23.04 -2.98 -1.73
C HIS A 114 -23.07 -3.02 -3.26
N PRO A 115 -23.92 -2.22 -3.91
CA PRO A 115 -24.01 -2.27 -5.39
C PRO A 115 -22.70 -1.94 -6.09
N MET A 116 -21.83 -1.17 -5.43
CA MET A 116 -20.48 -0.90 -5.89
C MET A 116 -19.44 -1.55 -4.97
N SER A 117 -19.77 -2.71 -4.41
CA SER A 117 -18.94 -3.36 -3.41
C SER A 117 -17.50 -3.50 -3.90
N MET A 118 -16.57 -3.13 -3.03
CA MET A 118 -15.16 -3.39 -3.22
C MET A 118 -14.70 -4.60 -2.41
N ARG A 119 -15.64 -5.37 -1.85
CA ARG A 119 -15.25 -6.52 -1.03
C ARG A 119 -14.49 -7.55 -1.87
N GLY A 120 -14.94 -7.79 -3.10
CA GLY A 120 -14.29 -8.80 -3.92
C GLY A 120 -12.83 -8.46 -4.19
N ILE A 121 -12.57 -7.21 -4.55
CA ILE A 121 -11.18 -6.84 -4.86
C ILE A 121 -10.35 -6.73 -3.59
N ALA A 122 -10.94 -6.31 -2.46
CA ALA A 122 -10.19 -6.35 -1.21
C ALA A 122 -9.74 -7.77 -0.88
N LEU A 123 -10.62 -8.75 -1.11
CA LEU A 123 -10.28 -10.14 -0.84
C LEU A 123 -9.25 -10.65 -1.85
N LEU A 124 -9.38 -10.29 -3.12
CA LEU A 124 -8.39 -10.75 -4.10
C LEU A 124 -7.02 -10.21 -3.76
N MET A 125 -6.93 -8.94 -3.35
CA MET A 125 -5.63 -8.31 -3.18
C MET A 125 -4.84 -8.95 -2.05
N GLY A 126 -5.53 -9.51 -1.05
CA GLY A 126 -4.88 -10.22 0.03
C GLY A 126 -4.87 -11.73 -0.11
N HIS A 127 -5.39 -12.28 -1.20
CA HIS A 127 -5.44 -13.73 -1.33
C HIS A 127 -4.00 -14.27 -1.45
N PRO A 128 -3.69 -15.39 -0.80
CA PRO A 128 -2.29 -15.86 -0.81
C PRO A 128 -1.76 -16.20 -2.19
N ILE A 129 -2.60 -16.66 -3.11
CA ILE A 129 -2.11 -16.94 -4.45
C ILE A 129 -1.72 -15.64 -5.15
N HIS A 130 -2.60 -14.66 -5.10
CA HIS A 130 -2.31 -13.36 -5.70
C HIS A 130 -1.12 -12.71 -5.01
N TRP A 131 -1.02 -12.86 -3.68
CA TRP A 131 0.11 -12.35 -2.94
C TRP A 131 1.41 -12.93 -3.46
N GLU A 132 1.46 -14.25 -3.62
CA GLU A 132 2.63 -14.91 -4.18
C GLU A 132 2.92 -14.42 -5.60
N ASP A 133 1.88 -14.27 -6.44
CA ASP A 133 2.12 -13.79 -7.80
C ASP A 133 2.89 -12.48 -7.80
N TRP A 134 2.55 -11.56 -6.88
CA TRP A 134 3.23 -10.27 -6.82
C TRP A 134 4.71 -10.39 -6.44
N SER A 135 5.13 -11.51 -5.83
CA SER A 135 6.55 -11.70 -5.57
C SER A 135 7.35 -11.82 -6.86
N GLY A 136 6.70 -12.13 -7.98
CA GLY A 136 7.38 -12.15 -9.26
C GLY A 136 7.55 -10.81 -9.93
N PHE A 137 7.12 -9.73 -9.30
CA PHE A 137 7.20 -8.41 -9.95
C PHE A 137 8.64 -7.96 -10.22
N PRO A 138 9.62 -8.09 -9.31
CA PRO A 138 10.96 -7.59 -9.67
C PRO A 138 11.48 -8.22 -10.96
N GLU A 139 11.25 -9.51 -11.19
CA GLU A 139 11.76 -10.13 -12.40
C GLU A 139 10.96 -9.73 -13.63
N THR A 140 9.67 -9.40 -13.44
CA THR A 140 8.90 -8.87 -14.56
C THR A 140 9.51 -7.56 -15.06
N VAL A 141 9.97 -6.72 -14.15
CA VAL A 141 10.59 -5.46 -14.55
C VAL A 141 11.97 -5.72 -15.15
N VAL A 142 12.72 -6.70 -14.62
CA VAL A 142 14.05 -6.98 -15.16
C VAL A 142 13.96 -7.53 -16.58
N THR A 143 12.98 -8.41 -16.84
CA THR A 143 12.89 -9.14 -18.10
C THR A 143 11.79 -8.67 -19.02
N GLY A 144 10.82 -7.91 -18.51
CA GLY A 144 9.67 -7.54 -19.28
C GLY A 144 8.59 -8.61 -19.40
N GLU A 145 8.87 -9.81 -18.92
CA GLU A 145 7.99 -10.97 -19.09
C GLU A 145 7.06 -11.14 -17.90
N PRO A 146 5.81 -11.60 -18.13
CA PRO A 146 4.90 -11.82 -17.02
C PRO A 146 5.40 -12.92 -16.09
N ALA A 147 4.98 -12.83 -14.83
CA ALA A 147 5.44 -13.75 -13.79
C ALA A 147 4.74 -15.10 -13.83
N LEU A 148 3.49 -15.15 -14.28
CA LEU A 148 2.70 -16.38 -14.13
C LEU A 148 3.33 -17.60 -14.78
N PRO A 149 3.75 -17.57 -16.06
CA PRO A 149 4.41 -18.76 -16.62
C PRO A 149 5.64 -19.19 -15.83
N LYS A 150 6.41 -18.24 -15.29
CA LYS A 150 7.61 -18.60 -14.55
C LYS A 150 7.29 -19.19 -13.18
N LEU A 151 6.24 -18.67 -12.53
CA LEU A 151 5.93 -19.10 -11.17
C LEU A 151 5.05 -20.34 -11.16
N ARG A 152 4.12 -20.46 -12.11
CA ARG A 152 3.11 -21.51 -12.08
C ARG A 152 3.08 -22.40 -13.31
N GLY A 153 3.91 -22.13 -14.31
CA GLY A 153 4.02 -23.01 -15.47
C GLY A 153 2.88 -22.92 -16.46
N MET A 154 2.10 -21.84 -16.44
CA MET A 154 1.01 -21.68 -17.38
C MET A 154 0.60 -20.22 -17.39
N HIS A 155 -0.17 -19.87 -18.42
CA HIS A 155 -0.76 -18.54 -18.49
C HIS A 155 -1.69 -18.33 -17.30
N ALA A 156 -1.78 -17.07 -16.87
CA ALA A 156 -2.65 -16.72 -15.73
C ALA A 156 -4.08 -17.23 -15.92
N PHE A 157 -4.62 -17.08 -17.13
CA PHE A 157 -6.00 -17.48 -17.36
C PHE A 157 -6.15 -19.00 -17.33
N GLU A 158 -5.10 -19.73 -17.72
CA GLU A 158 -5.16 -21.19 -17.62
C GLU A 158 -5.13 -21.63 -16.16
N PHE A 159 -4.35 -20.94 -15.31
CA PHE A 159 -4.40 -21.23 -13.87
C PHE A 159 -5.78 -20.97 -13.30
N LEU A 160 -6.43 -19.88 -13.74
CA LEU A 160 -7.77 -19.57 -13.25
C LEU A 160 -8.75 -20.69 -13.57
N THR A 161 -8.66 -21.21 -14.81
CA THR A 161 -9.55 -22.28 -15.24
C THR A 161 -9.28 -23.57 -14.47
N LYS A 162 -8.01 -23.85 -14.16
CA LYS A 162 -7.67 -25.11 -13.50
C LYS A 162 -7.82 -25.07 -11.98
N ASN A 163 -7.99 -23.89 -11.38
CA ASN A 163 -8.15 -23.77 -9.93
C ASN A 163 -9.44 -22.99 -9.72
N ALA A 164 -10.55 -23.72 -9.62
CA ALA A 164 -11.87 -23.09 -9.66
C ALA A 164 -12.08 -22.14 -8.49
N GLU A 165 -11.59 -22.49 -7.31
CA GLU A 165 -11.81 -21.65 -6.14
C GLU A 165 -11.09 -20.31 -6.30
N TYR A 166 -9.83 -20.35 -6.72
CA TYR A 166 -9.15 -19.08 -6.94
C TYR A 166 -9.76 -18.34 -8.13
N GLY A 167 -10.23 -19.08 -9.14
CA GLY A 167 -10.90 -18.45 -10.27
C GLY A 167 -12.07 -17.58 -9.83
N GLN A 168 -12.80 -18.02 -8.81
CA GLN A 168 -13.94 -17.23 -8.34
C GLN A 168 -13.49 -16.02 -7.54
N VAL A 169 -12.44 -16.17 -6.73
CA VAL A 169 -11.85 -15.02 -6.06
C VAL A 169 -11.42 -13.97 -7.08
N PHE A 170 -10.75 -14.42 -8.16
CA PHE A 170 -10.30 -13.48 -9.17
C PHE A 170 -11.48 -12.82 -9.87
N PHE A 171 -12.50 -13.60 -10.21
CA PHE A 171 -13.69 -13.08 -10.90
C PHE A 171 -14.42 -12.06 -10.03
N GLN A 172 -14.56 -12.35 -8.73
CA GLN A 172 -15.21 -11.38 -7.83
C GLN A 172 -14.39 -10.11 -7.70
N GLY A 173 -13.06 -10.23 -7.68
CA GLY A 173 -12.23 -9.04 -7.60
C GLY A 173 -12.30 -8.19 -8.86
N MET A 174 -12.30 -8.83 -10.03
CA MET A 174 -12.54 -8.10 -11.27
C MET A 174 -13.92 -7.45 -11.26
N GLY A 175 -14.92 -8.16 -10.71
CA GLY A 175 -16.27 -7.62 -10.69
C GLY A 175 -16.41 -6.35 -9.88
N SER A 176 -15.66 -6.24 -8.78
CA SER A 176 -15.70 -5.03 -7.97
C SER A 176 -15.42 -3.80 -8.82
N MET A 177 -14.32 -3.84 -9.57
CA MET A 177 -13.94 -2.70 -10.39
C MET A 177 -14.83 -2.55 -11.61
N SER A 178 -15.28 -3.67 -12.18
CA SER A 178 -16.12 -3.59 -13.37
C SER A 178 -17.48 -3.00 -13.07
N ALA A 179 -18.06 -3.30 -11.90
CA ALA A 179 -19.42 -2.83 -11.60
C ALA A 179 -19.55 -1.31 -11.71
N SER A 180 -18.47 -0.58 -11.45
CA SER A 180 -18.49 0.88 -11.55
C SER A 180 -18.42 1.39 -12.98
N GLU A 181 -18.35 0.53 -14.01
CA GLU A 181 -18.09 1.00 -15.36
C GLU A 181 -19.32 1.04 -16.25
N THR A 182 -20.37 0.25 -15.95
CA THR A 182 -21.50 0.12 -16.86
C THR A 182 -22.27 1.42 -17.02
N GLU A 183 -22.72 2.01 -15.92
CA GLU A 183 -23.50 3.24 -16.03
C GLU A 183 -22.71 4.39 -16.65
N PRO A 184 -21.45 4.64 -16.29
CA PRO A 184 -20.70 5.70 -16.99
C PRO A 184 -20.63 5.47 -18.49
N ILE A 185 -20.48 4.22 -18.91
CA ILE A 185 -20.43 3.92 -20.34
C ILE A 185 -21.75 4.23 -21.00
N LEU A 186 -22.86 3.85 -20.35
CA LEU A 186 -24.18 4.12 -20.93
C LEU A 186 -24.48 5.61 -20.99
N ALA A 187 -24.02 6.39 -20.01
CA ALA A 187 -24.28 7.82 -20.05
C ALA A 187 -23.42 8.55 -21.07
N ALA A 188 -22.29 7.97 -21.47
CA ALA A 188 -21.37 8.59 -22.41
C ALA A 188 -21.64 8.27 -23.87
N TYR A 189 -22.30 7.14 -24.19
CA TYR A 189 -22.39 6.68 -25.57
C TYR A 189 -23.81 6.27 -25.93
N ASP A 190 -24.27 6.67 -27.12
CA ASP A 190 -25.64 6.40 -27.56
C ASP A 190 -25.71 5.01 -28.20
N PHE A 191 -26.13 4.02 -27.43
CA PHE A 191 -26.25 2.69 -28.01
C PHE A 191 -27.55 2.49 -28.78
N SER A 192 -28.49 3.44 -28.68
CA SER A 192 -29.76 3.31 -29.40
C SER A 192 -29.59 3.38 -30.92
N GLN A 193 -28.43 3.83 -31.40
CA GLN A 193 -28.17 3.89 -32.84
C GLN A 193 -27.93 2.51 -33.45
N PHE A 194 -27.78 1.47 -32.65
CA PHE A 194 -27.39 0.17 -33.15
C PHE A 194 -28.59 -0.78 -33.19
N GLY A 195 -28.70 -1.53 -34.28
CA GLY A 195 -29.68 -2.59 -34.35
C GLY A 195 -29.19 -3.86 -33.69
N THR A 196 -27.92 -4.19 -33.89
CA THR A 196 -27.31 -5.36 -33.29
C THR A 196 -25.98 -4.98 -32.65
N VAL A 197 -25.69 -5.60 -31.50
CA VAL A 197 -24.44 -5.37 -30.77
C VAL A 197 -23.85 -6.71 -30.38
N VAL A 198 -22.55 -6.89 -30.61
CA VAL A 198 -21.83 -8.07 -30.13
C VAL A 198 -20.98 -7.64 -28.94
N ASP A 199 -21.19 -8.28 -27.79
CA ASP A 199 -20.35 -8.08 -26.60
C ASP A 199 -19.27 -9.14 -26.65
N PHE A 200 -18.08 -8.77 -27.10
CA PHE A 200 -17.04 -9.74 -27.43
C PHE A 200 -16.31 -10.15 -26.15
N CYS A 201 -16.46 -11.43 -25.80
CA CYS A 201 -15.91 -11.99 -24.56
C CYS A 201 -16.48 -11.23 -23.35
N GLY A 202 -17.79 -10.97 -23.41
CA GLY A 202 -18.50 -10.18 -22.42
C GLY A 202 -18.79 -10.90 -21.12
N GLY A 203 -18.30 -12.13 -20.93
CA GLY A 203 -18.46 -12.78 -19.65
C GLY A 203 -19.89 -13.23 -19.45
N GLN A 204 -20.48 -12.83 -18.31
CA GLN A 204 -21.88 -13.12 -18.00
C GLN A 204 -22.85 -12.25 -18.78
N GLY A 205 -22.38 -11.14 -19.35
CA GLY A 205 -23.24 -10.22 -20.08
C GLY A 205 -23.65 -8.96 -19.33
N ALA A 206 -22.91 -8.57 -18.29
CA ALA A 206 -23.31 -7.41 -17.50
C ALA A 206 -23.40 -6.16 -18.37
N LEU A 207 -22.36 -5.90 -19.17
CA LEU A 207 -22.38 -4.71 -20.02
C LEU A 207 -23.46 -4.83 -21.09
N LEU A 208 -23.52 -5.99 -21.76
CA LEU A 208 -24.51 -6.17 -22.82
C LEU A 208 -25.94 -5.97 -22.30
N ALA A 209 -26.23 -6.48 -21.09
CA ALA A 209 -27.55 -6.24 -20.50
C ALA A 209 -27.80 -4.75 -20.30
N GLY A 210 -26.79 -4.01 -19.86
CA GLY A 210 -26.96 -2.57 -19.73
C GLY A 210 -27.23 -1.90 -21.06
N ILE A 211 -26.50 -2.32 -22.08
CA ILE A 211 -26.70 -1.78 -23.43
C ILE A 211 -28.10 -2.07 -23.93
N LEU A 212 -28.56 -3.33 -23.81
CA LEU A 212 -29.89 -3.68 -24.32
C LEU A 212 -30.99 -2.95 -23.56
N GLY A 213 -30.80 -2.72 -22.26
CA GLY A 213 -31.76 -1.95 -21.51
C GLY A 213 -31.79 -0.49 -21.91
N ALA A 214 -30.65 0.06 -22.32
CA ALA A 214 -30.59 1.43 -22.83
C ALA A 214 -31.09 1.54 -24.25
N ALA A 215 -31.13 0.44 -24.99
CA ALA A 215 -31.51 0.44 -26.40
C ALA A 215 -32.58 -0.62 -26.61
N PRO A 216 -33.84 -0.31 -26.29
CA PRO A 216 -34.89 -1.35 -26.31
C PRO A 216 -35.13 -1.97 -27.68
N GLY A 217 -34.74 -1.31 -28.77
CA GLY A 217 -34.90 -1.93 -30.07
C GLY A 217 -33.70 -2.72 -30.54
N CYS A 218 -32.69 -2.88 -29.69
CA CYS A 218 -31.43 -3.49 -30.08
C CYS A 218 -31.46 -4.97 -29.75
N GLU A 219 -30.85 -5.77 -30.61
CA GLU A 219 -30.60 -7.18 -30.36
C GLU A 219 -29.13 -7.39 -30.07
N GLY A 220 -28.83 -8.32 -29.16
CA GLY A 220 -27.48 -8.50 -28.68
C GLY A 220 -26.99 -9.90 -28.97
N VAL A 221 -25.67 -10.03 -29.08
CA VAL A 221 -24.99 -11.31 -29.12
C VAL A 221 -23.97 -11.30 -28.00
N LEU A 222 -24.07 -12.25 -27.09
CA LEU A 222 -23.07 -12.41 -26.05
C LEU A 222 -22.13 -13.52 -26.49
N PHE A 223 -20.93 -13.13 -26.89
CA PHE A 223 -19.91 -14.04 -27.41
C PHE A 223 -18.90 -14.27 -26.30
N ASP A 224 -18.79 -15.52 -25.82
CA ASP A 224 -17.84 -15.78 -24.75
C ASP A 224 -17.54 -17.25 -24.72
N PRO A 225 -16.28 -17.65 -24.50
CA PRO A 225 -15.96 -19.08 -24.46
C PRO A 225 -16.73 -19.84 -23.39
N ARG A 226 -17.09 -19.18 -22.28
CA ARG A 226 -17.74 -19.86 -21.18
C ARG A 226 -19.22 -19.47 -21.05
N VAL A 227 -19.83 -18.95 -22.12
CA VAL A 227 -21.18 -18.41 -22.05
C VAL A 227 -22.22 -19.46 -21.68
N GLU A 228 -21.91 -20.73 -21.87
CA GLU A 228 -22.83 -21.80 -21.50
C GLU A 228 -22.58 -22.35 -20.10
N GLU A 229 -21.54 -21.87 -19.41
CA GLU A 229 -21.16 -22.37 -18.10
C GLU A 229 -21.04 -21.30 -17.02
N ASN A 230 -21.01 -20.02 -17.38
CA ASN A 230 -20.62 -18.99 -16.44
C ASN A 230 -21.81 -18.29 -15.80
N GLY A 231 -23.03 -18.80 -15.99
CA GLY A 231 -24.21 -18.19 -15.45
C GLY A 231 -24.89 -17.17 -16.33
N ALA A 232 -24.48 -17.04 -17.61
CA ALA A 232 -25.02 -15.99 -18.46
C ALA A 232 -26.51 -16.15 -18.69
N ALA A 233 -26.97 -17.39 -18.89
CA ALA A 233 -28.40 -17.62 -19.12
C ALA A 233 -29.23 -17.13 -17.95
N GLU A 234 -28.83 -17.50 -16.73
CA GLU A 234 -29.58 -17.06 -15.55
C GLU A 234 -29.53 -15.54 -15.40
N PHE A 235 -28.36 -14.94 -15.62
CA PHE A 235 -28.22 -13.51 -15.43
C PHE A 235 -29.02 -12.72 -16.46
N LEU A 236 -28.91 -13.12 -17.73
CA LEU A 236 -29.64 -12.41 -18.78
C LEU A 236 -31.15 -12.51 -18.57
N ALA A 237 -31.64 -13.69 -18.17
CA ALA A 237 -33.06 -13.86 -17.88
C ALA A 237 -33.49 -12.97 -16.72
N ALA A 238 -32.68 -12.92 -15.66
CA ALA A 238 -33.02 -12.09 -14.51
C ALA A 238 -33.03 -10.61 -14.88
N GLN A 239 -32.23 -10.23 -15.89
CA GLN A 239 -32.16 -8.85 -16.34
C GLN A 239 -33.26 -8.50 -17.33
N GLY A 240 -34.05 -9.48 -17.78
CA GLY A 240 -35.13 -9.22 -18.71
C GLY A 240 -34.74 -8.99 -20.14
N VAL A 241 -33.54 -9.41 -20.55
CA VAL A 241 -33.04 -9.16 -21.90
C VAL A 241 -32.75 -10.45 -22.66
N ALA A 242 -33.13 -11.60 -22.10
CA ALA A 242 -32.77 -12.87 -22.72
C ALA A 242 -33.50 -13.12 -24.04
N ASP A 243 -34.67 -12.50 -24.24
CA ASP A 243 -35.36 -12.64 -25.52
C ASP A 243 -34.73 -11.81 -26.63
N ARG A 244 -33.78 -10.93 -26.32
CA ARG A 244 -33.04 -10.17 -27.32
C ARG A 244 -31.55 -10.47 -27.32
N THR A 245 -31.11 -11.55 -26.69
CA THR A 245 -29.71 -11.94 -26.64
C THR A 245 -29.55 -13.33 -27.24
N LYS A 246 -28.60 -13.46 -28.17
CA LYS A 246 -28.14 -14.76 -28.62
C LYS A 246 -26.81 -15.06 -27.92
N ARG A 247 -26.74 -16.19 -27.22
CA ARG A 247 -25.49 -16.63 -26.60
C ARG A 247 -24.69 -17.42 -27.62
N VAL A 248 -23.43 -17.03 -27.82
CA VAL A 248 -22.55 -17.69 -28.78
C VAL A 248 -21.27 -18.08 -28.08
N ALA A 249 -21.02 -19.38 -27.96
CA ALA A 249 -19.77 -19.88 -27.43
C ALA A 249 -18.71 -19.85 -28.51
N GLY A 250 -17.55 -19.29 -28.20
CA GLY A 250 -16.46 -19.31 -29.16
C GLY A 250 -15.17 -19.00 -28.45
N ASP A 251 -14.07 -19.22 -29.15
CA ASP A 251 -12.76 -18.94 -28.60
C ASP A 251 -12.45 -17.45 -28.71
N LEU A 252 -11.63 -16.98 -27.78
CA LEU A 252 -11.15 -15.60 -27.82
C LEU A 252 -10.51 -15.26 -29.16
N PHE A 253 -9.90 -16.24 -29.82
CA PHE A 253 -9.20 -15.99 -31.07
C PHE A 253 -9.99 -16.43 -32.31
N ASP A 254 -11.30 -16.63 -32.15
CA ASP A 254 -12.20 -16.90 -33.26
C ASP A 254 -12.66 -15.60 -33.90
N VAL A 255 -13.10 -15.72 -35.15
CA VAL A 255 -13.85 -14.62 -35.78
C VAL A 255 -15.25 -14.59 -35.19
N PRO A 256 -15.70 -13.45 -34.64
CA PRO A 256 -17.03 -13.38 -34.04
C PRO A 256 -18.12 -13.35 -35.09
N PRO A 257 -19.39 -13.46 -34.68
CA PRO A 257 -20.49 -13.35 -35.65
C PRO A 257 -20.40 -12.06 -36.46
N GLY A 258 -20.65 -12.18 -37.77
CA GLY A 258 -20.38 -11.10 -38.68
C GLY A 258 -21.52 -10.10 -38.84
N GLY A 259 -21.15 -8.92 -39.32
CA GLY A 259 -22.13 -7.94 -39.75
C GLY A 259 -22.89 -7.22 -38.66
N ALA A 260 -22.42 -7.26 -37.42
CA ALA A 260 -23.09 -6.53 -36.36
C ALA A 260 -22.80 -5.04 -36.47
N ASP A 261 -23.75 -4.23 -36.01
CA ASP A 261 -23.59 -2.78 -36.06
C ASP A 261 -22.48 -2.30 -35.13
N ALA A 262 -22.23 -3.02 -34.04
CA ALA A 262 -21.23 -2.61 -33.07
C ALA A 262 -20.57 -3.85 -32.48
N TYR A 263 -19.25 -3.82 -32.37
CA TYR A 263 -18.48 -4.80 -31.61
C TYR A 263 -17.91 -4.08 -30.40
N VAL A 264 -18.21 -4.59 -29.20
CA VAL A 264 -17.81 -3.97 -27.95
C VAL A 264 -16.81 -4.89 -27.27
N LEU A 265 -15.62 -4.36 -27.00
CA LEU A 265 -14.54 -5.10 -26.34
C LEU A 265 -14.15 -4.34 -25.08
N LYS A 266 -14.58 -4.83 -23.91
CA LYS A 266 -14.27 -4.19 -22.63
C LYS A 266 -13.23 -5.03 -21.90
N HIS A 267 -12.06 -4.42 -21.64
CA HIS A 267 -10.98 -5.07 -20.89
C HIS A 267 -10.54 -6.37 -21.54
N ILE A 268 -10.57 -6.41 -22.88
CA ILE A 268 -10.07 -7.53 -23.64
C ILE A 268 -8.70 -7.21 -24.23
N VAL A 269 -8.61 -6.10 -24.97
CA VAL A 269 -7.37 -5.75 -25.67
C VAL A 269 -6.21 -5.58 -24.68
N HIS A 270 -6.48 -5.00 -23.50
CA HIS A 270 -5.34 -4.71 -22.63
C HIS A 270 -4.75 -5.97 -21.97
N ASP A 271 -5.34 -7.14 -22.18
CA ASP A 271 -4.83 -8.36 -21.56
C ASP A 271 -3.70 -9.01 -22.35
N TRP A 272 -3.35 -8.50 -23.53
CA TRP A 272 -2.58 -9.32 -24.45
C TRP A 272 -1.36 -8.58 -24.97
N PRO A 273 -0.26 -9.30 -25.19
CA PRO A 273 0.86 -8.74 -25.94
C PRO A 273 0.38 -8.30 -27.32
N GLU A 274 1.16 -7.40 -27.94
CA GLU A 274 0.69 -6.74 -29.16
C GLU A 274 0.33 -7.75 -30.25
N GLU A 275 1.13 -8.81 -30.41
CA GLU A 275 0.84 -9.79 -31.45
C GLU A 275 -0.55 -10.41 -31.27
N GLN A 276 -0.89 -10.77 -30.03
CA GLN A 276 -2.19 -11.39 -29.79
C GLN A 276 -3.30 -10.35 -29.87
N ALA A 277 -3.04 -9.12 -29.41
CA ALA A 277 -4.06 -8.08 -29.49
C ALA A 277 -4.41 -7.79 -30.94
N LEU A 278 -3.40 -7.71 -31.81
CA LEU A 278 -3.67 -7.52 -33.24
C LEU A 278 -4.46 -8.67 -33.83
N ARG A 279 -4.14 -9.89 -33.42
CA ARG A 279 -4.88 -11.06 -33.91
C ARG A 279 -6.37 -10.91 -33.61
N ILE A 280 -6.70 -10.53 -32.37
CA ILE A 280 -8.10 -10.33 -31.99
C ILE A 280 -8.72 -9.22 -32.82
N LEU A 281 -8.02 -8.09 -32.93
CA LEU A 281 -8.59 -6.97 -33.67
C LEU A 281 -8.74 -7.30 -35.17
N ARG A 282 -7.80 -8.07 -35.73
CA ARG A 282 -7.98 -8.46 -37.12
C ARG A 282 -9.15 -9.42 -37.31
N ASN A 283 -9.43 -10.26 -36.32
CA ASN A 283 -10.59 -11.13 -36.39
C ASN A 283 -11.88 -10.34 -36.32
N VAL A 284 -11.95 -9.33 -35.45
CA VAL A 284 -13.11 -8.45 -35.45
C VAL A 284 -13.21 -7.73 -36.79
N ARG A 285 -12.07 -7.31 -37.35
CA ARG A 285 -12.07 -6.64 -38.65
C ARG A 285 -12.69 -7.52 -39.73
N ALA A 286 -12.43 -8.83 -39.68
CA ALA A 286 -13.01 -9.76 -40.64
C ALA A 286 -14.50 -9.97 -40.43
N ALA A 287 -15.02 -9.74 -39.23
CA ALA A 287 -16.45 -9.87 -38.96
C ALA A 287 -17.24 -8.61 -39.32
N ILE A 288 -16.69 -7.42 -39.01
CA ILE A 288 -17.43 -6.17 -39.18
C ILE A 288 -17.60 -5.84 -40.66
N LYS A 289 -18.70 -5.16 -40.98
CA LYS A 289 -18.95 -4.77 -42.36
C LYS A 289 -19.04 -3.25 -42.43
N PRO A 290 -18.98 -2.66 -43.62
CA PRO A 290 -19.03 -1.19 -43.72
C PRO A 290 -20.21 -0.62 -42.95
N GLY A 291 -19.97 0.50 -42.26
CA GLY A 291 -20.96 1.09 -41.39
C GLY A 291 -20.88 0.64 -39.95
N GLY A 292 -20.21 -0.48 -39.67
CA GLY A 292 -20.10 -0.94 -38.30
C GLY A 292 -19.13 -0.11 -37.48
N LYS A 293 -19.20 -0.28 -36.17
CA LYS A 293 -18.29 0.42 -35.25
C LYS A 293 -17.64 -0.58 -34.32
N LEU A 294 -16.37 -0.32 -34.01
CA LEU A 294 -15.66 -1.04 -32.97
C LEU A 294 -15.55 -0.14 -31.75
N LEU A 295 -15.96 -0.65 -30.59
CA LEU A 295 -15.85 0.09 -29.33
C LEU A 295 -14.97 -0.67 -28.36
N ILE A 296 -13.84 -0.07 -27.98
CA ILE A 296 -12.89 -0.66 -27.05
C ILE A 296 -13.01 0.10 -25.74
N ALA A 297 -13.44 -0.59 -24.68
CA ALA A 297 -13.70 0.05 -23.38
C ALA A 297 -12.50 -0.27 -22.50
N GLU A 298 -11.65 0.74 -22.27
CA GLU A 298 -10.44 0.58 -21.46
C GLU A 298 -10.12 1.90 -20.79
N MET A 299 -9.32 1.82 -19.72
CA MET A 299 -8.67 3.02 -19.21
C MET A 299 -7.60 3.47 -20.19
N VAL A 300 -7.73 4.70 -20.69
CA VAL A 300 -6.84 5.27 -21.69
C VAL A 300 -5.88 6.23 -20.98
N ILE A 301 -4.59 5.97 -21.07
CA ILE A 301 -3.61 6.78 -20.37
C ILE A 301 -3.37 8.07 -21.15
N PRO A 302 -3.39 9.23 -20.50
CA PRO A 302 -3.10 10.49 -21.20
C PRO A 302 -1.70 10.49 -21.78
N GLU A 303 -1.56 11.11 -22.95
CA GLU A 303 -0.30 11.00 -23.70
C GLU A 303 0.86 11.65 -22.96
N GLN A 304 0.62 12.71 -22.17
CA GLN A 304 1.70 13.40 -21.51
C GLN A 304 1.33 13.79 -20.09
N GLY A 305 2.35 14.14 -19.31
CA GLY A 305 2.18 14.61 -17.95
C GLY A 305 2.19 13.50 -16.92
N ASP A 306 2.41 13.89 -15.67
CA ASP A 306 2.47 12.94 -14.55
C ASP A 306 1.21 13.01 -13.69
N GLN A 307 0.07 13.36 -14.27
CA GLN A 307 -1.16 13.39 -13.49
C GLN A 307 -1.56 11.97 -13.09
N PRO A 308 -2.12 11.77 -11.89
CA PRO A 308 -2.62 10.45 -11.51
C PRO A 308 -3.66 9.96 -12.51
N HIS A 309 -3.59 8.68 -12.82
CA HIS A 309 -4.62 8.04 -13.64
C HIS A 309 -4.67 6.58 -13.26
N SER A 310 -5.89 6.05 -13.07
CA SER A 310 -6.01 4.65 -12.67
C SER A 310 -5.30 3.70 -13.64
N GLY A 311 -5.30 4.03 -14.93
CA GLY A 311 -4.64 3.17 -15.90
C GLY A 311 -3.14 3.00 -15.67
N LYS A 312 -2.50 4.02 -15.08
CA LYS A 312 -1.07 3.88 -14.81
C LYS A 312 -0.79 2.79 -13.79
N LEU A 313 -1.68 2.60 -12.83
CA LEU A 313 -1.48 1.54 -11.84
C LEU A 313 -1.92 0.17 -12.38
N VAL A 314 -3.09 0.10 -13.04
CA VAL A 314 -3.56 -1.16 -13.59
C VAL A 314 -2.56 -1.70 -14.61
N ASP A 315 -1.85 -0.80 -15.30
CA ASP A 315 -0.82 -1.21 -16.25
C ASP A 315 0.19 -2.18 -15.63
N LEU A 316 0.56 -1.95 -14.37
CA LEU A 316 1.58 -2.79 -13.74
C LEU A 316 1.03 -4.17 -13.41
N TRP A 317 -0.24 -4.22 -13.01
CA TRP A 317 -0.93 -5.47 -12.83
C TRP A 317 -0.94 -6.29 -14.13
N LEU A 318 -1.27 -5.62 -15.25
CA LEU A 318 -1.27 -6.29 -16.54
C LEU A 318 0.12 -6.80 -16.89
N MET A 319 1.13 -6.00 -16.63
CA MET A 319 2.52 -6.40 -16.90
C MET A 319 2.88 -7.66 -16.13
N LEU A 320 2.51 -7.70 -14.85
CA LEU A 320 2.84 -8.82 -13.97
C LEU A 320 2.12 -10.09 -14.40
N LEU A 321 0.81 -9.99 -14.65
CA LEU A 321 -0.01 -11.20 -14.75
C LEU A 321 -0.06 -11.78 -16.16
N VAL A 322 -0.21 -10.94 -17.20
CA VAL A 322 -0.57 -11.43 -18.52
C VAL A 322 0.30 -10.87 -19.63
N GLY A 323 1.21 -9.95 -19.32
CA GLY A 323 2.00 -9.32 -20.36
C GLY A 323 1.22 -8.37 -21.25
N GLY A 324 0.07 -7.88 -20.80
CA GLY A 324 -0.65 -6.85 -21.51
C GLY A 324 -0.20 -5.47 -21.09
N ARG A 325 -0.97 -4.46 -21.49
CA ARG A 325 -0.61 -3.09 -21.14
C ARG A 325 -1.81 -2.18 -21.35
N GLU A 326 -1.78 -1.05 -20.66
CA GLU A 326 -2.68 0.04 -21.01
C GLU A 326 -1.99 0.93 -22.05
N ARG A 327 -2.81 1.63 -22.83
CA ARG A 327 -2.35 2.38 -23.97
C ARG A 327 -2.86 3.82 -23.94
N THR A 328 -2.07 4.70 -24.56
CA THR A 328 -2.47 6.08 -24.82
C THR A 328 -3.37 6.15 -26.06
N PRO A 329 -3.95 7.32 -26.34
CA PRO A 329 -4.73 7.44 -27.59
C PRO A 329 -3.90 7.15 -28.83
N GLY A 330 -2.67 7.70 -28.92
CA GLY A 330 -1.84 7.46 -30.09
C GLY A 330 -1.42 6.01 -30.23
N GLN A 331 -1.23 5.31 -29.11
CA GLN A 331 -0.93 3.88 -29.18
C GLN A 331 -2.15 3.09 -29.64
N TYR A 332 -3.35 3.48 -29.18
CA TYR A 332 -4.54 2.83 -29.70
C TYR A 332 -4.72 3.12 -31.18
N ALA A 333 -4.41 4.36 -31.59
CA ALA A 333 -4.57 4.71 -33.01
C ALA A 333 -3.65 3.87 -33.87
N ASP A 334 -2.43 3.64 -33.41
CA ASP A 334 -1.46 2.86 -34.17
C ASP A 334 -1.87 1.40 -34.22
N LEU A 335 -2.29 0.87 -33.08
CA LEU A 335 -2.74 -0.52 -33.01
C LEU A 335 -3.96 -0.75 -33.92
N LEU A 336 -4.93 0.16 -33.85
CA LEU A 336 -6.11 0.05 -34.72
C LEU A 336 -5.73 0.09 -36.19
N ALA A 337 -4.83 0.99 -36.57
CA ALA A 337 -4.46 1.12 -37.98
C ALA A 337 -3.82 -0.16 -38.51
N ARG A 338 -3.03 -0.85 -37.68
CA ARG A 338 -2.43 -2.10 -38.12
C ARG A 338 -3.45 -3.23 -38.23
N ALA A 339 -4.65 -3.05 -37.68
CA ALA A 339 -5.68 -4.08 -37.75
C ALA A 339 -6.80 -3.73 -38.73
N GLY A 340 -6.65 -2.65 -39.49
CA GLY A 340 -7.67 -2.31 -40.46
C GLY A 340 -8.73 -1.37 -39.97
N PHE A 341 -8.50 -0.66 -38.86
CA PHE A 341 -9.45 0.30 -38.31
C PHE A 341 -8.83 1.70 -38.32
N ARG A 342 -9.66 2.70 -38.10
CA ARG A 342 -9.18 4.05 -37.82
C ARG A 342 -9.84 4.56 -36.57
N LEU A 343 -9.04 5.09 -35.64
CA LEU A 343 -9.58 5.69 -34.43
C LEU A 343 -10.42 6.91 -34.78
N GLU A 344 -11.65 6.95 -34.29
CA GLU A 344 -12.56 8.05 -34.57
C GLU A 344 -12.71 9.01 -33.38
N ARG A 345 -12.99 8.49 -32.19
CA ARG A 345 -13.07 9.31 -30.98
C ARG A 345 -12.56 8.51 -29.79
N VAL A 346 -12.07 9.20 -28.77
CA VAL A 346 -11.93 8.62 -27.43
C VAL A 346 -13.00 9.27 -26.58
N VAL A 347 -14.00 8.49 -26.19
CA VAL A 347 -15.18 9.00 -25.50
C VAL A 347 -14.95 8.89 -24.00
N GLU A 348 -14.85 10.03 -23.31
CA GLU A 348 -14.66 10.02 -21.87
C GLU A 348 -15.96 9.69 -21.15
N THR A 349 -15.83 9.20 -19.91
CA THR A 349 -16.99 8.90 -19.08
C THR A 349 -16.82 9.57 -17.73
N ALA A 350 -17.85 9.46 -16.89
CA ALA A 350 -17.78 9.99 -15.54
C ALA A 350 -16.95 9.12 -14.62
N ALA A 351 -16.24 8.13 -15.17
CA ALA A 351 -15.39 7.24 -14.41
C ALA A 351 -14.02 7.19 -15.07
N ALA A 352 -13.15 6.26 -14.64
CA ALA A 352 -11.81 6.24 -15.21
C ALA A 352 -11.78 5.67 -16.62
N ILE A 353 -12.73 4.78 -16.93
CA ILE A 353 -12.73 4.10 -18.22
C ILE A 353 -13.18 5.05 -19.33
N SER A 354 -12.70 4.80 -20.54
CA SER A 354 -13.14 5.54 -21.71
C SER A 354 -13.57 4.53 -22.79
N LEU A 355 -14.22 5.04 -23.82
CA LEU A 355 -14.59 4.24 -24.98
C LEU A 355 -13.75 4.69 -26.18
N VAL A 356 -12.94 3.80 -26.72
CA VAL A 356 -12.23 4.07 -27.95
C VAL A 356 -13.12 3.64 -29.11
N GLU A 357 -13.62 4.61 -29.87
CA GLU A 357 -14.50 4.35 -31.00
C GLU A 357 -13.68 4.32 -32.27
N ALA A 358 -13.83 3.24 -33.05
CA ALA A 358 -13.11 3.08 -34.30
C ALA A 358 -14.04 2.59 -35.39
N VAL A 359 -13.69 2.91 -36.63
CA VAL A 359 -14.46 2.48 -37.78
C VAL A 359 -13.58 1.63 -38.69
N PRO A 360 -14.14 0.66 -39.40
CA PRO A 360 -13.30 -0.16 -40.29
C PRO A 360 -12.91 0.62 -41.53
N VAL A 361 -11.67 0.43 -41.96
CA VAL A 361 -11.21 1.06 -43.19
C VAL A 361 -10.64 -0.03 -44.12
N GLU B 3 18.61 23.29 10.34
CA GLU B 3 17.90 23.43 11.62
C GLU B 3 16.50 22.80 11.54
N LEU B 4 16.07 22.21 12.65
CA LEU B 4 14.79 21.50 12.76
C LEU B 4 13.69 22.44 13.21
N PRO B 5 12.48 22.36 12.62
CA PRO B 5 11.41 23.24 13.07
C PRO B 5 10.96 22.87 14.48
N PRO B 6 10.45 23.83 15.25
CA PRO B 6 9.92 23.50 16.56
C PRO B 6 8.79 22.50 16.44
N PRO B 7 8.57 21.69 17.48
CA PRO B 7 7.52 20.66 17.39
C PRO B 7 6.12 21.21 17.07
N HIS B 8 5.77 22.38 17.57
CA HIS B 8 4.44 22.92 17.30
C HIS B 8 4.25 23.24 15.83
N VAL B 9 5.31 23.65 15.13
CA VAL B 9 5.22 23.87 13.70
C VAL B 9 4.95 22.56 12.96
N VAL B 10 5.57 21.47 13.41
CA VAL B 10 5.33 20.18 12.77
C VAL B 10 3.90 19.71 13.05
N ARG B 11 3.39 19.95 14.26
CA ARG B 11 2.02 19.54 14.57
C ARG B 11 1.03 20.27 13.65
N GLU B 12 1.30 21.54 13.37
CA GLU B 12 0.44 22.29 12.47
C GLU B 12 0.52 21.76 11.04
N ALA B 13 1.72 21.40 10.57
CA ALA B 13 1.82 20.82 9.23
C ALA B 13 1.11 19.47 9.14
N GLU B 14 1.21 18.64 10.19
CA GLU B 14 0.49 17.38 10.23
C GLU B 14 -1.02 17.59 10.14
N LYS B 15 -1.55 18.56 10.90
CA LYS B 15 -2.98 18.84 10.86
C LYS B 15 -3.40 19.35 9.50
N ALA B 16 -2.58 20.20 8.87
CA ALA B 16 -2.87 20.68 7.53
C ALA B 16 -2.86 19.54 6.51
N ARG B 17 -1.84 18.68 6.59
CA ARG B 17 -1.78 17.53 5.67
C ARG B 17 -3.01 16.67 5.82
N ALA B 18 -3.41 16.37 7.06
CA ALA B 18 -4.56 15.52 7.29
C ALA B 18 -5.83 16.13 6.70
N ASP B 19 -5.94 17.46 6.77
CA ASP B 19 -7.11 18.13 6.21
C ASP B 19 -7.12 18.05 4.67
N LEU B 20 -5.95 18.21 4.05
CA LEU B 20 -5.86 18.06 2.61
C LEU B 20 -6.23 16.65 2.18
N GLN B 21 -5.80 15.66 2.96
CA GLN B 21 -6.09 14.28 2.60
C GLN B 21 -7.57 13.97 2.77
N ARG B 22 -8.19 14.50 3.84
CA ARG B 22 -9.64 14.35 3.99
C ARG B 22 -10.39 15.06 2.87
N GLN B 23 -9.95 16.25 2.48
CA GLN B 23 -10.57 16.95 1.36
C GLN B 23 -10.48 16.10 0.09
N SER B 24 -9.31 15.54 -0.16
CA SER B 24 -9.12 14.72 -1.37
C SER B 24 -10.05 13.52 -1.38
N ARG B 25 -10.05 12.72 -0.30
CA ARG B 25 -10.93 11.54 -0.22
C ARG B 25 -12.39 11.92 -0.47
N GLU B 26 -12.80 13.07 0.04
CA GLU B 26 -14.20 13.46 -0.08
C GLU B 26 -14.57 13.90 -1.50
N LEU B 27 -13.59 14.23 -2.34
CA LEU B 27 -13.85 14.55 -3.74
C LEU B 27 -13.95 13.31 -4.62
N ALA B 28 -13.84 12.13 -4.04
CA ALA B 28 -13.92 10.90 -4.81
C ALA B 28 -15.16 10.12 -4.41
N PRO B 29 -15.74 9.34 -5.33
CA PRO B 29 -16.70 8.32 -4.94
C PRO B 29 -16.09 7.44 -3.86
N PRO B 30 -16.79 7.20 -2.76
CA PRO B 30 -16.21 6.43 -1.66
C PRO B 30 -15.67 5.08 -2.10
N PRO B 31 -16.38 4.32 -2.95
CA PRO B 31 -15.78 3.05 -3.41
C PRO B 31 -14.46 3.25 -4.14
N PHE B 32 -14.32 4.36 -4.87
CA PHE B 32 -13.07 4.61 -5.58
C PHE B 32 -11.95 5.01 -4.62
N ALA B 33 -12.26 5.81 -3.60
CA ALA B 33 -11.23 6.14 -2.61
C ALA B 33 -10.81 4.89 -1.83
N LEU B 34 -11.76 3.99 -1.56
CA LEU B 34 -11.42 2.72 -0.91
C LEU B 34 -10.56 1.85 -1.81
N LEU B 35 -10.90 1.79 -3.11
CA LEU B 35 -10.09 1.02 -4.05
C LEU B 35 -8.65 1.52 -4.09
N GLU B 36 -8.44 2.83 -3.99
CA GLU B 36 -7.07 3.34 -3.99
C GLU B 36 -6.29 2.80 -2.81
N LEU B 37 -6.94 2.67 -1.64
CA LEU B 37 -6.26 2.10 -0.48
C LEU B 37 -5.99 0.62 -0.66
N ILE B 38 -6.95 -0.10 -1.21
CA ILE B 38 -6.78 -1.54 -1.45
C ILE B 38 -5.58 -1.79 -2.36
N MET B 39 -5.38 -0.93 -3.33
CA MET B 39 -4.35 -1.17 -4.33
C MET B 39 -2.96 -0.65 -3.90
N GLY B 40 -2.84 -0.14 -2.68
CA GLY B 40 -1.57 0.43 -2.23
C GLY B 40 -0.42 -0.55 -2.24
N VAL B 41 -0.71 -1.84 -2.09
CA VAL B 41 0.34 -2.86 -2.18
C VAL B 41 1.09 -2.78 -3.51
N MET B 42 0.39 -2.40 -4.59
CA MET B 42 1.06 -2.33 -5.90
C MET B 42 2.06 -1.19 -5.94
N VAL B 43 1.76 -0.07 -5.27
CA VAL B 43 2.72 1.03 -5.18
C VAL B 43 3.94 0.61 -4.37
N THR B 44 3.73 -0.12 -3.27
CA THR B 44 4.86 -0.68 -2.53
C THR B 44 5.77 -1.49 -3.44
N ARG B 45 5.18 -2.32 -4.29
CA ARG B 45 5.97 -3.15 -5.18
C ARG B 45 6.72 -2.30 -6.20
N ALA B 46 6.08 -1.22 -6.67
CA ALA B 46 6.74 -0.34 -7.63
C ALA B 46 7.92 0.39 -6.99
N VAL B 47 7.75 0.88 -5.76
CA VAL B 47 8.88 1.51 -5.06
C VAL B 47 9.96 0.48 -4.83
N HIS B 48 9.58 -0.75 -4.49
CA HIS B 48 10.59 -1.74 -4.16
C HIS B 48 11.48 -2.04 -5.34
N VAL B 49 10.89 -2.20 -6.52
CA VAL B 49 11.74 -2.55 -7.65
C VAL B 49 12.65 -1.37 -8.02
N ALA B 50 12.16 -0.13 -7.91
CA ALA B 50 13.00 1.02 -8.19
C ALA B 50 14.20 1.06 -7.25
N ALA B 51 13.97 0.72 -5.99
CA ALA B 51 15.05 0.68 -5.00
C ALA B 51 16.02 -0.45 -5.30
N GLU B 52 15.51 -1.64 -5.60
CA GLU B 52 16.38 -2.78 -5.85
C GLU B 52 17.32 -2.53 -7.02
N LEU B 53 16.83 -1.84 -8.05
CA LEU B 53 17.60 -1.56 -9.24
C LEU B 53 18.47 -0.31 -9.12
N LYS B 54 18.40 0.40 -7.99
CA LYS B 54 19.19 1.62 -7.78
C LYS B 54 18.91 2.63 -8.90
N VAL B 55 17.64 2.78 -9.25
CA VAL B 55 17.25 3.76 -10.26
C VAL B 55 17.62 5.16 -9.81
N ALA B 56 17.42 5.48 -8.52
CA ALA B 56 17.73 6.83 -8.03
C ALA B 56 19.22 7.15 -8.17
N GLU B 57 20.08 6.20 -7.84
CA GLU B 57 21.50 6.40 -8.05
C GLU B 57 21.80 6.61 -9.53
N ALA B 58 21.13 5.84 -10.40
CA ALA B 58 21.43 5.94 -11.83
C ALA B 58 21.01 7.30 -12.40
N LEU B 59 20.01 7.93 -11.81
CA LEU B 59 19.53 9.23 -12.26
C LEU B 59 20.19 10.39 -11.54
N ALA B 60 21.07 10.12 -10.57
CA ALA B 60 21.66 11.21 -9.80
C ALA B 60 22.57 12.09 -10.64
N GLU B 61 23.06 11.61 -11.78
CA GLU B 61 23.92 12.41 -12.66
C GLU B 61 23.15 13.14 -13.76
N GLY B 62 21.82 13.05 -13.77
CA GLY B 62 21.03 13.71 -14.77
C GLY B 62 19.99 12.80 -15.41
N PRO B 63 19.01 13.40 -16.10
CA PRO B 63 17.91 12.60 -16.66
C PRO B 63 18.38 11.60 -17.72
N LEU B 64 17.73 10.44 -17.73
CA LEU B 64 18.02 9.37 -18.68
C LEU B 64 16.74 8.89 -19.37
N SER B 65 16.84 8.59 -20.66
CA SER B 65 15.74 7.91 -21.33
C SER B 65 15.55 6.51 -20.74
N ALA B 66 14.39 5.92 -21.05
CA ALA B 66 14.12 4.56 -20.59
C ALA B 66 15.16 3.58 -21.11
N ASP B 67 15.57 3.74 -22.38
CA ASP B 67 16.56 2.82 -22.94
C ASP B 67 17.92 2.97 -22.24
N GLU B 68 18.37 4.23 -22.06
CA GLU B 68 19.66 4.40 -21.40
C GLU B 68 19.60 3.97 -19.95
N LEU B 69 18.51 4.27 -19.25
CA LEU B 69 18.43 3.88 -17.85
C LEU B 69 18.41 2.36 -17.71
N ALA B 70 17.62 1.68 -18.55
CA ALA B 70 17.48 0.23 -18.44
C ALA B 70 18.80 -0.46 -18.67
N GLY B 71 19.61 0.07 -19.60
CA GLY B 71 20.93 -0.50 -19.83
C GLY B 71 21.83 -0.38 -18.62
N ARG B 72 21.79 0.76 -17.94
CA ARG B 72 22.67 0.96 -16.79
C ARG B 72 22.23 0.15 -15.57
N VAL B 73 20.93 -0.08 -15.38
CA VAL B 73 20.47 -0.83 -14.22
C VAL B 73 20.21 -2.30 -14.53
N GLY B 74 20.25 -2.71 -15.80
CA GLY B 74 20.00 -4.11 -16.12
C GLY B 74 18.54 -4.51 -16.01
N ALA B 75 17.65 -3.73 -16.63
CA ALA B 75 16.23 -4.08 -16.62
C ALA B 75 15.67 -3.84 -18.01
N ASP B 76 14.37 -4.12 -18.17
CA ASP B 76 13.68 -3.96 -19.44
C ASP B 76 13.20 -2.52 -19.57
N ALA B 77 13.58 -1.87 -20.68
CA ALA B 77 13.29 -0.44 -20.86
C ALA B 77 11.78 -0.16 -20.82
N ASP B 78 11.00 -0.97 -21.53
CA ASP B 78 9.54 -0.78 -21.53
C ASP B 78 8.96 -0.95 -20.14
N ALA B 79 9.29 -2.05 -19.46
CA ALA B 79 8.71 -2.29 -18.14
C ALA B 79 9.15 -1.23 -17.14
N LEU B 80 10.43 -0.88 -17.16
CA LEU B 80 10.93 0.12 -16.22
C LEU B 80 10.28 1.49 -16.45
N GLY B 81 10.14 1.90 -17.71
CA GLY B 81 9.46 3.16 -17.99
C GLY B 81 8.02 3.18 -17.50
N ARG B 82 7.34 2.05 -17.60
CA ARG B 82 5.96 1.99 -17.12
C ARG B 82 5.92 2.03 -15.59
N VAL B 83 6.88 1.41 -14.91
CA VAL B 83 6.95 1.55 -13.45
C VAL B 83 7.23 3.00 -13.06
N LEU B 84 8.16 3.65 -13.77
CA LEU B 84 8.51 5.02 -13.40
C LEU B 84 7.37 6.00 -13.71
N ARG B 85 6.62 5.77 -14.79
CA ARG B 85 5.44 6.59 -15.05
C ARG B 85 4.46 6.51 -13.88
N LEU B 86 4.24 5.32 -13.34
CA LEU B 86 3.34 5.19 -12.21
C LEU B 86 3.90 5.91 -10.98
N LEU B 87 5.18 5.68 -10.69
CA LEU B 87 5.78 6.31 -9.52
C LEU B 87 5.75 7.83 -9.63
N ALA B 88 6.04 8.35 -10.83
CA ALA B 88 6.05 9.79 -11.05
C ALA B 88 4.68 10.40 -10.80
N SER B 89 3.60 9.66 -11.08
CA SER B 89 2.27 10.20 -10.79
C SER B 89 1.99 10.27 -9.29
N ASN B 90 2.86 9.68 -8.47
CA ASN B 90 2.80 9.77 -7.01
C ASN B 90 3.90 10.64 -6.43
N GLY B 91 4.61 11.43 -7.25
CA GLY B 91 5.65 12.31 -6.75
C GLY B 91 7.05 11.72 -6.73
N VAL B 92 7.22 10.48 -7.16
CA VAL B 92 8.49 9.76 -7.04
C VAL B 92 9.05 9.62 -8.44
N PHE B 93 10.12 10.39 -8.72
CA PHE B 93 10.65 10.62 -10.07
C PHE B 93 9.67 11.47 -10.87
N ALA B 94 10.15 11.95 -12.00
CA ALA B 94 9.38 12.82 -12.89
C ALA B 94 9.65 12.39 -14.31
N THR B 95 8.64 12.49 -15.16
CA THR B 95 8.79 12.27 -16.60
C THR B 95 8.86 13.62 -17.30
N ARG B 96 9.61 13.67 -18.40
CA ARG B 96 9.80 14.89 -19.17
C ARG B 96 9.14 14.75 -20.53
N PRO B 97 8.77 15.86 -21.18
CA PRO B 97 8.21 15.76 -22.54
C PRO B 97 9.14 15.03 -23.50
N ASP B 98 10.46 15.12 -23.32
CA ASP B 98 11.39 14.43 -24.19
C ASP B 98 11.54 12.94 -23.85
N GLY B 99 10.75 12.42 -22.92
CA GLY B 99 10.73 11.00 -22.62
C GLY B 99 11.72 10.53 -21.58
N ALA B 100 12.63 11.39 -21.12
CA ALA B 100 13.57 11.00 -20.10
C ALA B 100 12.92 11.09 -18.72
N PHE B 101 13.51 10.38 -17.76
CA PHE B 101 13.10 10.38 -16.37
C PHE B 101 14.16 11.06 -15.50
N GLU B 102 13.71 11.70 -14.41
CA GLU B 102 14.67 12.38 -13.54
C GLU B 102 14.20 12.32 -12.08
N LEU B 103 15.09 12.73 -11.18
CA LEU B 103 14.80 12.68 -9.75
C LEU B 103 13.77 13.72 -9.34
N THR B 104 13.09 13.44 -8.23
CA THR B 104 12.30 14.38 -7.45
C THR B 104 12.81 14.27 -6.02
N PRO B 105 12.43 15.19 -5.14
CA PRO B 105 12.87 15.07 -3.73
C PRO B 105 12.52 13.72 -3.11
N MET B 106 11.33 13.20 -3.38
CA MET B 106 10.96 11.91 -2.81
C MET B 106 11.80 10.78 -3.40
N ALA B 107 12.03 10.80 -4.72
CA ALA B 107 12.87 9.74 -5.28
C ALA B 107 14.30 9.83 -4.81
N ASP B 108 14.79 11.05 -4.54
CA ASP B 108 16.16 11.20 -4.03
C ASP B 108 16.37 10.45 -2.73
N ALA B 109 15.33 10.33 -1.90
CA ALA B 109 15.44 9.60 -0.63
C ALA B 109 15.52 8.09 -0.81
N LEU B 110 15.40 7.58 -2.04
CA LEU B 110 15.68 6.17 -2.29
C LEU B 110 17.17 5.90 -2.46
N ARG B 111 18.00 6.93 -2.67
CA ARG B 111 19.43 6.71 -2.75
C ARG B 111 19.94 6.14 -1.43
N ALA B 112 20.78 5.10 -1.51
CA ALA B 112 21.39 4.53 -0.32
C ALA B 112 22.10 5.58 0.52
N ASP B 113 22.77 6.54 -0.13
CA ASP B 113 23.60 7.52 0.56
C ASP B 113 22.85 8.80 0.97
N HIS B 114 21.54 8.86 0.75
CA HIS B 114 20.75 9.98 1.24
C HIS B 114 20.86 10.02 2.77
N PRO B 115 21.00 11.21 3.37
CA PRO B 115 21.16 11.27 4.84
C PRO B 115 19.95 10.73 5.61
N MET B 116 18.79 10.66 5.01
CA MET B 116 17.61 10.05 5.63
C MET B 116 17.04 9.01 4.69
N SER B 117 17.93 8.15 4.20
CA SER B 117 17.59 7.19 3.15
C SER B 117 16.45 6.27 3.59
N MET B 118 15.54 6.03 2.65
CA MET B 118 14.47 5.05 2.80
C MET B 118 14.73 3.81 1.96
N ARG B 119 15.94 3.67 1.41
CA ARG B 119 16.22 2.50 0.60
C ARG B 119 16.07 1.23 1.43
N GLY B 120 16.56 1.25 2.68
CA GLY B 120 16.50 0.07 3.51
C GLY B 120 15.07 -0.43 3.71
N ILE B 121 14.16 0.48 4.05
CA ILE B 121 12.78 0.06 4.30
C ILE B 121 12.08 -0.28 2.98
N ALA B 122 12.41 0.42 1.89
CA ALA B 122 11.85 0.04 0.60
C ALA B 122 12.23 -1.38 0.24
N LEU B 123 13.49 -1.76 0.49
CA LEU B 123 13.93 -3.13 0.17
C LEU B 123 13.26 -4.15 1.10
N LEU B 124 13.16 -3.82 2.39
CA LEU B 124 12.56 -4.77 3.32
C LEU B 124 11.09 -5.04 3.01
N MET B 125 10.33 -4.01 2.63
CA MET B 125 8.90 -4.21 2.41
C MET B 125 8.60 -5.09 1.21
N GLY B 126 9.56 -5.25 0.30
CA GLY B 126 9.41 -6.14 -0.83
C GLY B 126 10.22 -7.39 -0.72
N HIS B 127 10.90 -7.63 0.40
CA HIS B 127 11.73 -8.82 0.51
C HIS B 127 10.84 -10.05 0.63
N PRO B 128 11.19 -11.15 -0.05
CA PRO B 128 10.30 -12.32 -0.07
C PRO B 128 10.00 -12.90 1.30
N ILE B 129 10.94 -12.83 2.24
CA ILE B 129 10.68 -13.36 3.57
C ILE B 129 9.65 -12.50 4.29
N HIS B 130 9.86 -11.18 4.27
CA HIS B 130 8.92 -10.28 4.92
C HIS B 130 7.58 -10.25 4.19
N TRP B 131 7.62 -10.42 2.86
CA TRP B 131 6.39 -10.48 2.06
C TRP B 131 5.53 -11.65 2.51
N GLU B 132 6.16 -12.79 2.75
CA GLU B 132 5.44 -13.96 3.24
C GLU B 132 4.90 -13.74 4.65
N ASP B 133 5.68 -13.06 5.52
CA ASP B 133 5.19 -12.75 6.87
C ASP B 133 3.79 -12.12 6.83
N TRP B 134 3.55 -11.22 5.87
CA TRP B 134 2.28 -10.52 5.82
C TRP B 134 1.13 -11.45 5.47
N SER B 135 1.40 -12.60 4.84
CA SER B 135 0.34 -13.56 4.61
C SER B 135 -0.19 -14.14 5.90
N GLY B 136 0.55 -14.03 7.00
CA GLY B 136 0.03 -14.45 8.29
C GLY B 136 -0.83 -13.42 8.99
N PHE B 137 -1.03 -12.27 8.37
CA PHE B 137 -1.73 -11.19 9.07
C PHE B 137 -3.18 -11.52 9.42
N PRO B 138 -3.99 -12.16 8.56
CA PRO B 138 -5.37 -12.47 8.99
C PRO B 138 -5.42 -13.35 10.23
N GLU B 139 -4.57 -14.36 10.31
CA GLU B 139 -4.57 -15.19 11.52
CA GLU B 139 -4.56 -15.20 11.52
C GLU B 139 -4.07 -14.41 12.74
N THR B 140 -3.15 -13.47 12.53
CA THR B 140 -2.71 -12.64 13.66
C THR B 140 -3.88 -11.84 14.23
N VAL B 141 -4.74 -11.31 13.37
CA VAL B 141 -5.89 -10.54 13.86
C VAL B 141 -6.93 -11.47 14.50
N VAL B 142 -7.10 -12.66 13.93
CA VAL B 142 -8.05 -13.61 14.51
C VAL B 142 -7.59 -14.06 15.89
N THR B 143 -6.32 -14.40 16.04
CA THR B 143 -5.82 -14.99 17.27
C THR B 143 -5.15 -14.00 18.21
N GLY B 144 -4.76 -12.83 17.73
CA GLY B 144 -3.98 -11.92 18.54
C GLY B 144 -2.51 -12.25 18.66
N GLU B 145 -2.05 -13.36 18.06
CA GLU B 145 -0.70 -13.90 18.18
C GLU B 145 0.16 -13.53 16.98
N PRO B 146 1.44 -13.17 17.18
CA PRO B 146 2.29 -12.83 16.03
C PRO B 146 2.41 -14.01 15.09
N ALA B 147 2.58 -13.68 13.80
CA ALA B 147 2.66 -14.67 12.73
C ALA B 147 4.02 -15.32 12.65
N LEU B 148 5.07 -14.58 13.02
CA LEU B 148 6.43 -15.07 12.79
C LEU B 148 6.70 -16.39 13.50
N PRO B 149 6.35 -16.59 14.78
CA PRO B 149 6.61 -17.91 15.40
C PRO B 149 5.87 -19.06 14.73
N LYS B 150 4.69 -18.81 14.14
CA LYS B 150 3.97 -19.88 13.46
C LYS B 150 4.58 -20.19 12.10
N LEU B 151 5.06 -19.15 11.41
CA LEU B 151 5.67 -19.34 10.09
C LEU B 151 7.08 -19.91 10.17
N ARG B 152 7.85 -19.51 11.19
CA ARG B 152 9.27 -19.79 11.24
C ARG B 152 9.67 -20.81 12.31
N GLY B 153 8.77 -21.18 13.22
CA GLY B 153 9.13 -22.08 14.29
C GLY B 153 10.03 -21.48 15.34
N MET B 154 10.08 -20.15 15.45
CA MET B 154 10.96 -19.49 16.39
C MET B 154 10.54 -18.03 16.48
N HIS B 155 11.13 -17.35 17.47
CA HIS B 155 10.88 -15.92 17.70
CA HIS B 155 10.79 -15.95 17.62
C HIS B 155 11.61 -15.08 16.67
N ALA B 156 11.12 -13.85 16.47
CA ALA B 156 11.71 -12.93 15.50
C ALA B 156 13.20 -12.79 15.70
N PHE B 157 13.66 -12.58 16.93
CA PHE B 157 15.07 -12.32 17.13
CA PHE B 157 15.07 -12.35 17.20
C PHE B 157 15.91 -13.57 16.85
N GLU B 158 15.43 -14.76 17.24
CA GLU B 158 16.16 -15.99 16.89
C GLU B 158 16.27 -16.16 15.38
N PHE B 159 15.19 -15.85 14.65
CA PHE B 159 15.22 -15.98 13.20
C PHE B 159 16.20 -14.98 12.58
N LEU B 160 16.22 -13.75 13.07
CA LEU B 160 17.12 -12.75 12.50
C LEU B 160 18.58 -13.09 12.76
N THR B 161 18.90 -13.66 13.93
CA THR B 161 20.31 -13.98 14.17
C THR B 161 20.73 -15.21 13.37
N LYS B 162 19.82 -16.18 13.24
CA LYS B 162 20.11 -17.38 12.46
C LYS B 162 20.23 -17.12 10.97
N ASN B 163 19.52 -16.13 10.45
CA ASN B 163 19.49 -15.82 9.02
C ASN B 163 20.12 -14.45 8.81
N ALA B 164 21.45 -14.42 8.89
CA ALA B 164 22.18 -13.17 9.02
C ALA B 164 21.95 -12.25 7.82
N GLU B 165 21.83 -12.81 6.61
CA GLU B 165 21.67 -11.96 5.44
C GLU B 165 20.36 -11.20 5.49
N TYR B 166 19.26 -11.91 5.78
CA TYR B 166 17.99 -11.22 5.95
C TYR B 166 17.97 -10.38 7.23
N GLY B 167 18.69 -10.81 8.27
CA GLY B 167 18.84 -9.98 9.44
C GLY B 167 19.38 -8.59 9.13
N GLN B 168 20.33 -8.50 8.20
CA GLN B 168 20.83 -7.18 7.80
C GLN B 168 19.78 -6.40 7.00
N VAL B 169 19.02 -7.07 6.13
CA VAL B 169 17.92 -6.41 5.42
C VAL B 169 16.95 -5.81 6.43
N PHE B 170 16.59 -6.61 7.42
CA PHE B 170 15.62 -6.20 8.41
C PHE B 170 16.14 -5.02 9.23
N PHE B 171 17.39 -5.10 9.64
CA PHE B 171 18.04 -4.05 10.42
CA PHE B 171 17.89 -4.01 10.45
C PHE B 171 18.21 -2.77 9.63
N GLN B 172 18.51 -2.89 8.33
CA GLN B 172 18.58 -1.69 7.50
C GLN B 172 17.18 -1.09 7.29
N GLY B 173 16.15 -1.94 7.21
CA GLY B 173 14.80 -1.42 7.11
C GLY B 173 14.37 -0.66 8.34
N MET B 174 14.72 -1.17 9.52
CA MET B 174 14.48 -0.44 10.77
C MET B 174 15.29 0.84 10.82
N GLY B 175 16.50 0.82 10.28
CA GLY B 175 17.34 2.00 10.29
C GLY B 175 16.77 3.16 9.49
N SER B 176 16.12 2.87 8.35
CA SER B 176 15.53 3.95 7.56
C SER B 176 14.60 4.81 8.41
N MET B 177 13.87 4.18 9.33
CA MET B 177 12.96 4.92 10.20
C MET B 177 13.66 5.51 11.40
N SER B 178 14.60 4.77 12.00
CA SER B 178 15.20 5.21 13.24
C SER B 178 16.13 6.41 13.04
N ALA B 179 16.78 6.51 11.88
CA ALA B 179 17.80 7.55 11.70
C ALA B 179 17.23 8.96 11.79
N SER B 180 15.94 9.13 11.52
CA SER B 180 15.29 10.42 11.62
C SER B 180 14.95 10.85 13.05
N GLU B 181 15.39 10.11 14.07
CA GLU B 181 14.89 10.29 15.43
C GLU B 181 15.86 10.95 16.38
N THR B 182 17.17 10.78 16.18
CA THR B 182 18.15 11.32 17.11
C THR B 182 18.05 12.84 17.23
N GLU B 183 18.16 13.55 16.10
CA GLU B 183 18.16 15.01 16.16
C GLU B 183 16.86 15.59 16.71
N PRO B 184 15.67 15.12 16.32
CA PRO B 184 14.44 15.64 16.97
C PRO B 184 14.43 15.43 18.47
N ILE B 185 14.89 14.27 18.94
CA ILE B 185 14.97 14.01 20.36
C ILE B 185 15.90 15.02 21.04
N LEU B 186 17.06 15.27 20.43
CA LEU B 186 18.03 16.16 21.06
C LEU B 186 17.50 17.59 21.10
N ALA B 187 16.77 18.00 20.05
CA ALA B 187 16.26 19.36 20.01
C ALA B 187 15.10 19.58 20.97
N ALA B 188 14.38 18.51 21.30
CA ALA B 188 13.17 18.60 22.12
C ALA B 188 13.42 18.45 23.61
N TYR B 189 14.59 17.97 24.02
CA TYR B 189 14.83 17.61 25.41
C TYR B 189 16.26 17.98 25.80
N ASP B 190 16.41 18.52 27.01
CA ASP B 190 17.69 19.06 27.47
C ASP B 190 18.46 17.95 28.19
N PHE B 191 19.31 17.23 27.45
CA PHE B 191 20.07 16.15 28.08
C PHE B 191 21.20 16.65 28.95
N SER B 192 21.59 17.94 28.84
CA SER B 192 22.67 18.43 29.68
C SER B 192 22.29 18.46 31.15
N GLN B 193 21.00 18.26 31.48
CA GLN B 193 20.61 18.12 32.87
C GLN B 193 21.19 16.88 33.54
N PHE B 194 21.72 15.93 32.75
CA PHE B 194 22.13 14.62 33.25
C PHE B 194 23.65 14.53 33.36
N GLY B 195 24.12 13.97 34.45
CA GLY B 195 25.54 13.70 34.60
C GLY B 195 25.92 12.34 34.06
N THR B 196 24.99 11.39 34.15
CA THR B 196 25.20 10.05 33.63
C THR B 196 23.93 9.58 32.92
N VAL B 197 24.11 8.90 31.80
CA VAL B 197 22.99 8.35 31.03
C VAL B 197 23.32 6.91 30.66
N VAL B 198 22.36 6.01 30.83
CA VAL B 198 22.45 4.65 30.30
C VAL B 198 21.55 4.57 29.07
N ASP B 199 22.13 4.19 27.93
CA ASP B 199 21.36 3.95 26.71
C ASP B 199 21.07 2.46 26.68
N PHE B 200 19.84 2.10 27.01
CA PHE B 200 19.51 0.71 27.35
C PHE B 200 19.22 -0.08 26.09
N CYS B 201 20.08 -1.06 25.80
CA CYS B 201 20.04 -1.81 24.55
C CYS B 201 20.07 -0.89 23.33
N GLY B 202 20.96 0.10 23.39
CA GLY B 202 21.04 1.12 22.36
C GLY B 202 21.85 0.71 21.14
N GLY B 203 22.18 -0.58 21.03
CA GLY B 203 22.85 -1.10 19.85
C GLY B 203 24.25 -0.55 19.67
N GLN B 204 24.47 0.14 18.55
CA GLN B 204 25.77 0.77 18.28
C GLN B 204 26.00 2.05 19.07
N GLY B 205 24.95 2.62 19.66
CA GLY B 205 25.08 3.86 20.40
C GLY B 205 24.78 5.13 19.65
N ALA B 206 23.99 5.07 18.57
CA ALA B 206 23.72 6.29 17.80
C ALA B 206 23.08 7.35 18.68
N LEU B 207 22.08 6.98 19.47
CA LEU B 207 21.43 7.98 20.31
C LEU B 207 22.36 8.44 21.43
N LEU B 208 23.08 7.50 22.07
CA LEU B 208 24.00 7.89 23.14
C LEU B 208 25.06 8.86 22.64
N ALA B 209 25.62 8.62 21.45
CA ALA B 209 26.60 9.55 20.89
C ALA B 209 25.97 10.93 20.65
N GLY B 210 24.71 10.95 20.18
CA GLY B 210 24.02 12.22 20.04
C GLY B 210 23.89 12.94 21.37
N ILE B 211 23.43 12.23 22.40
CA ILE B 211 23.30 12.82 23.73
C ILE B 211 24.65 13.35 24.22
N LEU B 212 25.70 12.52 24.15
CA LEU B 212 26.99 12.96 24.68
C LEU B 212 27.55 14.13 23.87
N GLY B 213 27.32 14.16 22.56
CA GLY B 213 27.76 15.30 21.77
C GLY B 213 27.04 16.58 22.14
N ALA B 214 25.78 16.47 22.55
CA ALA B 214 24.97 17.62 22.93
C ALA B 214 25.16 18.04 24.38
N ALA B 215 25.69 17.15 25.21
CA ALA B 215 25.85 17.39 26.65
C ALA B 215 27.28 17.07 27.06
N PRO B 216 28.17 18.04 26.97
CA PRO B 216 29.61 17.76 27.18
C PRO B 216 29.96 17.31 28.59
N GLY B 217 29.11 17.59 29.58
CA GLY B 217 29.35 17.16 30.94
C GLY B 217 28.74 15.82 31.28
N CYS B 218 28.14 15.15 30.30
CA CYS B 218 27.47 13.88 30.53
C CYS B 218 28.40 12.72 30.21
N GLU B 219 28.29 11.64 30.99
CA GLU B 219 29.01 10.40 30.75
C GLU B 219 27.99 9.30 30.46
N GLY B 220 28.28 8.42 29.51
CA GLY B 220 27.30 7.48 29.01
C GLY B 220 27.69 6.03 29.27
N VAL B 221 26.67 5.20 29.47
CA VAL B 221 26.83 3.75 29.45
C VAL B 221 26.03 3.20 28.29
N LEU B 222 26.69 2.51 27.37
CA LEU B 222 25.99 1.79 26.32
C LEU B 222 25.83 0.35 26.79
N PHE B 223 24.60 -0.01 27.14
CA PHE B 223 24.27 -1.31 27.73
C PHE B 223 23.58 -2.13 26.66
N ASP B 224 24.27 -3.17 26.16
CA ASP B 224 23.73 -3.92 25.04
C ASP B 224 24.40 -5.28 25.00
N PRO B 225 23.66 -6.36 24.74
CA PRO B 225 24.29 -7.69 24.70
C PRO B 225 25.36 -7.82 23.65
N ARG B 226 25.22 -7.12 22.52
CA ARG B 226 26.12 -7.26 21.38
C ARG B 226 27.23 -6.22 21.38
N VAL B 227 27.41 -5.48 22.48
CA VAL B 227 28.17 -4.23 22.43
C VAL B 227 29.63 -4.43 22.02
N GLU B 228 30.17 -5.65 22.14
CA GLU B 228 31.54 -5.93 21.73
C GLU B 228 31.64 -6.40 20.28
N GLU B 229 30.56 -6.90 19.68
CA GLU B 229 30.52 -7.22 18.26
C GLU B 229 29.86 -6.14 17.42
N ASN B 230 29.01 -5.32 18.04
CA ASN B 230 28.14 -4.29 17.45
C ASN B 230 28.76 -3.45 16.34
N GLY B 231 30.06 -3.21 16.43
CA GLY B 231 30.64 -2.04 15.80
C GLY B 231 30.58 -0.80 16.67
N ALA B 232 30.13 -0.92 17.92
CA ALA B 232 29.94 0.26 18.77
C ALA B 232 31.27 0.96 19.06
N ALA B 233 32.33 0.19 19.33
CA ALA B 233 33.60 0.82 19.69
C ALA B 233 34.09 1.73 18.58
N GLU B 234 34.05 1.25 17.34
CA GLU B 234 34.50 2.07 16.21
C GLU B 234 33.60 3.29 16.04
N PHE B 235 32.29 3.10 16.18
CA PHE B 235 31.36 4.20 15.95
C PHE B 235 31.48 5.27 17.04
N LEU B 236 31.57 4.87 18.31
CA LEU B 236 31.62 5.87 19.36
C LEU B 236 32.90 6.69 19.29
N ALA B 237 34.00 6.07 18.89
CA ALA B 237 35.25 6.82 18.75
C ALA B 237 35.17 7.80 17.58
N ALA B 238 34.62 7.36 16.44
CA ALA B 238 34.47 8.25 15.29
C ALA B 238 33.63 9.48 15.62
N GLN B 239 32.68 9.34 16.55
CA GLN B 239 31.88 10.47 17.00
C GLN B 239 32.56 11.29 18.08
N GLY B 240 33.74 10.87 18.54
CA GLY B 240 34.51 11.64 19.49
C GLY B 240 34.00 11.62 20.90
N VAL B 241 33.24 10.59 21.29
CA VAL B 241 32.71 10.50 22.65
C VAL B 241 33.19 9.24 23.37
N ALA B 242 34.11 8.48 22.75
CA ALA B 242 34.51 7.20 23.34
C ALA B 242 35.10 7.37 24.72
N ASP B 243 35.84 8.46 24.96
CA ASP B 243 36.42 8.62 26.28
C ASP B 243 35.39 9.02 27.32
N ARG B 244 34.12 9.25 26.93
CA ARG B 244 33.05 9.49 27.88
C ARG B 244 32.01 8.36 27.88
N THR B 245 32.36 7.18 27.36
CA THR B 245 31.42 6.08 27.24
C THR B 245 32.03 4.82 27.85
N LYS B 246 31.20 4.06 28.58
CA LYS B 246 31.56 2.72 29.00
C LYS B 246 30.63 1.74 28.27
N ARG B 247 31.22 0.73 27.63
CA ARG B 247 30.43 -0.32 27.00
C ARG B 247 30.21 -1.44 28.02
N VAL B 248 28.96 -1.79 28.24
CA VAL B 248 28.60 -2.83 29.20
C VAL B 248 27.79 -3.88 28.46
N ALA B 249 28.33 -5.09 28.37
CA ALA B 249 27.61 -6.21 27.78
C ALA B 249 26.66 -6.77 28.82
N GLY B 250 25.36 -6.70 28.52
CA GLY B 250 24.36 -7.20 29.44
C GLY B 250 23.17 -7.67 28.64
N ASP B 251 22.33 -8.47 29.27
CA ASP B 251 21.17 -9.04 28.61
C ASP B 251 20.00 -8.07 28.62
N LEU B 252 19.12 -8.22 27.62
CA LEU B 252 17.92 -7.41 27.56
C LEU B 252 17.10 -7.52 28.84
N PHE B 253 17.13 -8.68 29.50
CA PHE B 253 16.34 -8.89 30.71
C PHE B 253 17.21 -8.85 31.97
N ASP B 254 18.34 -8.17 31.91
CA ASP B 254 19.20 -7.94 33.06
C ASP B 254 18.90 -6.57 33.67
N VAL B 255 19.25 -6.43 34.95
CA VAL B 255 19.16 -5.13 35.61
C VAL B 255 20.35 -4.29 35.16
N PRO B 256 20.13 -3.10 34.62
CA PRO B 256 21.26 -2.29 34.13
C PRO B 256 22.06 -1.69 35.26
N PRO B 257 23.20 -1.05 34.98
CA PRO B 257 23.98 -0.38 36.04
C PRO B 257 23.15 0.63 36.81
N GLY B 258 23.34 0.65 38.14
CA GLY B 258 22.46 1.43 38.99
C GLY B 258 22.89 2.88 39.18
N GLY B 259 21.93 3.72 39.52
CA GLY B 259 22.23 5.07 39.94
C GLY B 259 22.43 6.09 38.84
N ALA B 260 22.14 5.75 37.58
CA ALA B 260 22.32 6.71 36.51
C ALA B 260 21.26 7.80 36.57
N ASP B 261 21.61 9.01 36.11
CA ASP B 261 20.64 10.11 36.12
C ASP B 261 19.52 9.91 35.11
N ALA B 262 19.77 9.17 34.03
CA ALA B 262 18.73 8.88 33.07
C ALA B 262 18.94 7.49 32.50
N TYR B 263 17.84 6.75 32.33
CA TYR B 263 17.80 5.52 31.58
C TYR B 263 16.97 5.79 30.33
N VAL B 264 17.57 5.55 29.16
CA VAL B 264 16.95 5.90 27.89
C VAL B 264 16.66 4.60 27.16
N LEU B 265 15.38 4.38 26.84
CA LEU B 265 14.92 3.16 26.20
C LEU B 265 14.23 3.54 24.90
N LYS B 266 14.91 3.40 23.78
CA LYS B 266 14.38 3.80 22.48
C LYS B 266 14.00 2.55 21.68
N HIS B 267 12.70 2.42 21.39
CA HIS B 267 12.17 1.30 20.61
C HIS B 267 12.51 -0.05 21.24
N ILE B 268 12.52 -0.08 22.58
CA ILE B 268 12.69 -1.32 23.35
C ILE B 268 11.32 -1.80 23.80
N VAL B 269 10.61 -0.93 24.52
CA VAL B 269 9.34 -1.30 25.14
C VAL B 269 8.35 -1.82 24.11
N HIS B 270 8.27 -1.18 22.94
CA HIS B 270 7.23 -1.56 21.99
C HIS B 270 7.47 -2.92 21.34
N ASP B 271 8.62 -3.56 21.57
CA ASP B 271 8.92 -4.85 20.94
C ASP B 271 8.22 -6.03 21.60
N TRP B 272 7.64 -5.85 22.79
CA TRP B 272 7.39 -6.99 23.65
C TRP B 272 5.93 -7.08 24.07
N PRO B 273 5.42 -8.31 24.22
CA PRO B 273 4.15 -8.49 24.94
C PRO B 273 4.26 -7.88 26.33
N GLU B 274 3.08 -7.57 26.91
CA GLU B 274 3.04 -6.76 28.12
C GLU B 274 3.84 -7.38 29.27
N GLU B 275 3.82 -8.72 29.38
CA GLU B 275 4.52 -9.36 30.49
C GLU B 275 6.02 -9.11 30.43
N GLN B 276 6.61 -9.23 29.23
CA GLN B 276 8.04 -8.98 29.08
C GLN B 276 8.36 -7.49 29.14
N ALA B 277 7.49 -6.65 28.59
CA ALA B 277 7.71 -5.20 28.71
C ALA B 277 7.76 -4.80 30.17
N LEU B 278 6.87 -5.35 30.99
CA LEU B 278 6.85 -5.07 32.41
C LEU B 278 8.10 -5.59 33.10
N ARG B 279 8.59 -6.76 32.67
CA ARG B 279 9.82 -7.30 33.23
C ARG B 279 10.98 -6.34 33.02
N ILE B 280 11.12 -5.80 31.81
CA ILE B 280 12.20 -4.88 31.50
C ILE B 280 12.10 -3.62 32.36
N LEU B 281 10.89 -3.05 32.45
CA LEU B 281 10.73 -1.80 33.19
C LEU B 281 11.01 -1.99 34.68
N ARG B 282 10.60 -3.13 35.24
CA ARG B 282 10.86 -3.37 36.65
C ARG B 282 12.35 -3.52 36.91
N ASN B 283 13.07 -4.12 35.96
CA ASN B 283 14.52 -4.19 36.07
C ASN B 283 15.12 -2.79 36.07
N VAL B 284 14.62 -1.90 35.21
CA VAL B 284 15.13 -0.53 35.24
C VAL B 284 14.74 0.14 36.55
N ARG B 285 13.53 -0.14 37.03
CA ARG B 285 13.10 0.37 38.32
C ARG B 285 14.01 -0.07 39.45
N ALA B 286 14.58 -1.29 39.36
CA ALA B 286 15.46 -1.75 40.42
C ALA B 286 16.80 -1.02 40.41
N ALA B 287 17.20 -0.47 39.26
CA ALA B 287 18.48 0.22 39.12
C ALA B 287 18.38 1.71 39.42
N ILE B 288 17.24 2.32 39.16
CA ILE B 288 17.12 3.77 39.24
C ILE B 288 16.97 4.21 40.69
N LYS B 289 17.49 5.39 40.99
CA LYS B 289 17.49 5.96 42.32
C LYS B 289 16.65 7.24 42.31
N PRO B 290 16.24 7.75 43.47
CA PRO B 290 15.50 9.02 43.49
C PRO B 290 16.31 10.13 42.82
N GLY B 291 15.60 10.97 42.06
CA GLY B 291 16.21 11.95 41.20
C GLY B 291 16.45 11.48 39.78
N GLY B 292 16.54 10.17 39.56
CA GLY B 292 16.72 9.66 38.22
C GLY B 292 15.45 9.73 37.41
N LYS B 293 15.62 9.70 36.09
CA LYS B 293 14.52 9.72 35.15
C LYS B 293 14.62 8.54 34.21
N LEU B 294 13.46 7.99 33.86
CA LEU B 294 13.31 7.04 32.76
C LEU B 294 12.75 7.77 31.55
N LEU B 295 13.40 7.59 30.40
CA LEU B 295 12.95 8.20 29.16
C LEU B 295 12.69 7.10 28.15
N ILE B 296 11.42 6.91 27.79
CA ILE B 296 11.02 5.92 26.80
C ILE B 296 10.77 6.65 25.49
N ALA B 297 11.55 6.33 24.46
CA ALA B 297 11.42 6.99 23.16
C ALA B 297 10.65 6.06 22.23
N GLU B 298 9.42 6.44 21.90
CA GLU B 298 8.54 5.62 21.08
C GLU B 298 7.57 6.55 20.38
N MET B 299 6.94 6.02 19.33
CA MET B 299 5.81 6.73 18.71
C MET B 299 4.60 6.56 19.61
N VAL B 300 4.20 7.65 20.27
CA VAL B 300 3.08 7.63 21.20
C VAL B 300 1.82 7.95 20.42
N ILE B 301 0.83 7.06 20.49
CA ILE B 301 -0.41 7.25 19.73
C ILE B 301 -1.33 8.17 20.53
N PRO B 302 -1.88 9.22 19.92
CA PRO B 302 -2.78 10.10 20.67
C PRO B 302 -3.96 9.33 21.24
N GLU B 303 -4.42 9.78 22.41
CA GLU B 303 -5.44 9.04 23.14
C GLU B 303 -6.77 8.97 22.38
N GLN B 304 -7.04 9.93 21.52
CA GLN B 304 -8.34 10.04 20.86
C GLN B 304 -8.15 10.53 19.43
N GLY B 305 -9.23 10.46 18.66
CA GLY B 305 -9.25 11.04 17.33
C GLY B 305 -8.73 10.09 16.27
N ASP B 306 -9.02 10.43 15.02
CA ASP B 306 -8.64 9.63 13.86
C ASP B 306 -7.58 10.32 12.99
N GLN B 307 -6.81 11.23 13.55
CA GLN B 307 -5.75 11.83 12.73
C GLN B 307 -4.66 10.79 12.43
N PRO B 308 -4.07 10.82 11.24
CA PRO B 308 -2.99 9.87 10.93
C PRO B 308 -1.83 10.05 11.90
N HIS B 309 -1.20 8.92 12.22
CA HIS B 309 -0.01 8.91 13.04
C HIS B 309 0.81 7.69 12.64
N SER B 310 2.13 7.89 12.51
CA SER B 310 3.01 6.78 12.14
C SER B 310 2.86 5.62 13.12
N GLY B 311 2.67 5.92 14.41
CA GLY B 311 2.51 4.85 15.39
C GLY B 311 1.32 3.93 15.11
N LYS B 312 0.24 4.46 14.52
CA LYS B 312 -0.91 3.62 14.22
C LYS B 312 -0.60 2.57 13.17
N LEU B 313 0.34 2.87 12.26
CA LEU B 313 0.78 1.92 11.26
C LEU B 313 1.86 0.99 11.80
N VAL B 314 2.87 1.54 12.48
CA VAL B 314 3.93 0.70 13.04
C VAL B 314 3.33 -0.31 14.02
N ASP B 315 2.25 0.07 14.69
CA ASP B 315 1.58 -0.82 15.61
C ASP B 315 1.25 -2.17 14.99
N LEU B 316 0.74 -2.17 13.75
CA LEU B 316 0.31 -3.42 13.10
C LEU B 316 1.52 -4.29 12.78
N TRP B 317 2.60 -3.61 12.42
CA TRP B 317 3.85 -4.31 12.14
CA TRP B 317 3.88 -4.26 12.16
C TRP B 317 4.38 -5.01 13.39
N LEU B 318 4.29 -4.36 14.55
CA LEU B 318 4.68 -5.00 15.81
C LEU B 318 3.80 -6.19 16.13
N MET B 319 2.49 -6.03 15.92
CA MET B 319 1.54 -7.10 16.18
C MET B 319 1.86 -8.33 15.34
N LEU B 320 2.22 -8.12 14.06
CA LEU B 320 2.49 -9.23 13.17
C LEU B 320 3.76 -9.98 13.56
N LEU B 321 4.80 -9.26 13.93
CA LEU B 321 6.14 -9.84 14.06
C LEU B 321 6.48 -10.30 15.47
N VAL B 322 6.20 -9.48 16.48
CA VAL B 322 6.78 -9.70 17.81
C VAL B 322 5.76 -9.70 18.93
N GLY B 323 4.48 -9.45 18.65
CA GLY B 323 3.54 -9.34 19.74
C GLY B 323 3.68 -8.10 20.59
N GLY B 324 4.47 -7.12 20.16
CA GLY B 324 4.51 -5.83 20.82
C GLY B 324 3.38 -4.94 20.36
N ARG B 325 3.44 -3.68 20.76
CA ARG B 325 2.40 -2.72 20.40
C ARG B 325 2.91 -1.31 20.67
N GLU B 326 2.27 -0.34 20.02
CA GLU B 326 2.40 1.05 20.43
C GLU B 326 1.30 1.39 21.43
N ARG B 327 1.55 2.42 22.23
CA ARG B 327 0.64 2.77 23.33
C ARG B 327 0.29 4.25 23.29
N THR B 328 -0.85 4.57 23.90
CA THR B 328 -1.28 5.93 24.15
C THR B 328 -0.62 6.44 25.42
N PRO B 329 -0.71 7.75 25.70
CA PRO B 329 -0.17 8.24 26.99
C PRO B 329 -0.81 7.57 28.20
N GLY B 330 -2.12 7.33 28.14
CA GLY B 330 -2.80 6.66 29.23
C GLY B 330 -2.35 5.21 29.40
N GLN B 331 -2.10 4.51 28.29
CA GLN B 331 -1.58 3.16 28.41
C GLN B 331 -0.15 3.17 28.97
N TYR B 332 0.68 4.14 28.55
CA TYR B 332 2.01 4.26 29.15
C TYR B 332 1.92 4.51 30.65
N ALA B 333 0.98 5.38 31.06
CA ALA B 333 0.81 5.69 32.48
C ALA B 333 0.48 4.43 33.27
N ASP B 334 -0.48 3.65 32.77
CA ASP B 334 -0.87 2.41 33.44
CA ASP B 334 -0.88 2.40 33.42
C ASP B 334 0.29 1.42 33.49
N LEU B 335 0.98 1.22 32.36
CA LEU B 335 2.10 0.28 32.34
C LEU B 335 3.21 0.71 33.30
N LEU B 336 3.55 2.00 33.30
CA LEU B 336 4.58 2.52 34.18
C LEU B 336 4.19 2.38 35.64
N ALA B 337 2.93 2.67 35.96
CA ALA B 337 2.45 2.53 37.34
C ALA B 337 2.60 1.10 37.84
N ARG B 338 2.43 0.12 36.96
CA ARG B 338 2.60 -1.28 37.32
C ARG B 338 4.06 -1.68 37.46
N ALA B 339 5.00 -0.85 37.02
CA ALA B 339 6.43 -1.10 37.20
C ALA B 339 7.07 -0.20 38.25
N GLY B 340 6.27 0.51 39.05
CA GLY B 340 6.83 1.40 40.06
C GLY B 340 7.27 2.77 39.56
N PHE B 341 6.72 3.24 38.45
CA PHE B 341 7.04 4.55 37.89
C PHE B 341 5.79 5.41 37.83
N ARG B 342 5.98 6.72 37.77
CA ARG B 342 4.91 7.67 37.49
C ARG B 342 5.25 8.45 36.24
N LEU B 343 4.32 8.47 35.28
CA LEU B 343 4.52 9.25 34.06
C LEU B 343 4.45 10.73 34.41
N GLU B 344 5.50 11.47 34.09
CA GLU B 344 5.53 12.90 34.34
C GLU B 344 5.04 13.70 33.15
N ARG B 345 5.62 13.49 31.97
CA ARG B 345 5.20 14.20 30.75
C ARG B 345 5.43 13.29 29.55
N VAL B 346 4.75 13.62 28.46
CA VAL B 346 5.10 13.12 27.14
C VAL B 346 5.66 14.30 26.35
N VAL B 347 6.93 14.24 25.99
CA VAL B 347 7.61 15.33 25.28
C VAL B 347 7.53 15.05 23.79
N GLU B 348 6.79 15.88 23.05
CA GLU B 348 6.75 15.72 21.61
C GLU B 348 8.03 16.25 20.95
N THR B 349 8.28 15.79 19.73
CA THR B 349 9.45 16.24 18.98
C THR B 349 9.00 16.70 17.60
N ALA B 350 9.97 17.18 16.81
CA ALA B 350 9.70 17.58 15.43
C ALA B 350 9.50 16.42 14.50
N ALA B 351 9.49 15.19 15.02
CA ALA B 351 9.21 14.01 14.19
C ALA B 351 8.07 13.26 14.88
N ALA B 352 7.87 12.00 14.50
CA ALA B 352 6.73 11.23 15.02
C ALA B 352 7.01 10.68 16.41
N ILE B 353 8.28 10.42 16.73
CA ILE B 353 8.65 9.86 18.02
C ILE B 353 8.45 10.90 19.13
N SER B 354 8.14 10.42 20.32
CA SER B 354 8.06 11.26 21.51
C SER B 354 8.93 10.67 22.60
N LEU B 355 9.12 11.42 23.68
CA LEU B 355 9.79 10.94 24.89
C LEU B 355 8.79 10.86 26.03
N VAL B 356 8.54 9.66 26.52
CA VAL B 356 7.75 9.46 27.72
C VAL B 356 8.69 9.59 28.92
N GLU B 357 8.48 10.61 29.73
CA GLU B 357 9.34 10.87 30.89
C GLU B 357 8.67 10.37 32.16
N ALA B 358 9.39 9.55 32.93
CA ALA B 358 8.84 8.95 34.14
C ALA B 358 9.85 9.04 35.28
N VAL B 359 9.33 9.02 36.51
CA VAL B 359 10.17 9.02 37.69
C VAL B 359 9.81 7.83 38.59
N PRO B 360 10.76 7.31 39.36
CA PRO B 360 10.44 6.18 40.24
C PRO B 360 9.57 6.63 41.41
N VAL B 361 8.63 5.77 41.80
CA VAL B 361 7.78 6.04 42.97
C VAL B 361 7.70 4.81 43.86
#